data_1T2S
#
_entry.id   1T2S
#
_cell.length_a   1.000
_cell.length_b   1.000
_cell.length_c   1.000
_cell.angle_alpha   90.00
_cell.angle_beta   90.00
_cell.angle_gamma   90.00
#
_symmetry.space_group_name_H-M   'P 1'
#
loop_
_entity.id
_entity.type
_entity.pdbx_description
1 polymer "5'-D(*CP*TP*CP*AP*C)-3'"
2 polymer 'Argonaute 2'
#
loop_
_entity_poly.entity_id
_entity_poly.type
_entity_poly.pdbx_seq_one_letter_code
_entity_poly.pdbx_strand_id
1 'polydeoxyribonucleotide' (DC)(DT)(DC)(DA)(DC) B
2 'polypeptide(L)'
;GAMAMPMIEYLERFSLKAKINNTTNLDYSRRFLEPFLRGINVVYTPPQSFQSAPRVYRVNGLSRAPASSETFEHDGKKVT
IASYFHSRNYPLKFPQLHCLNVGSSIKSILLPIELCSIEEGQA
;
A
#
# COMPACT_ATOMS: atom_id res chain seq x y z
N GLY B 1 -6.01 7.17 22.18
CA GLY B 1 -5.81 6.05 21.21
C GLY B 1 -6.66 6.22 19.99
N ALA B 2 -7.03 5.10 19.36
CA ALA B 2 -7.82 5.10 18.13
C ALA B 2 -7.08 5.87 17.04
N MET B 3 -5.79 5.61 16.92
CA MET B 3 -4.92 6.34 16.03
C MET B 3 -4.43 5.42 14.91
N ALA B 4 -5.35 4.90 14.13
CA ALA B 4 -5.00 4.15 12.94
C ALA B 4 -4.63 5.12 11.83
N MET B 5 -3.34 5.35 11.67
CA MET B 5 -2.85 6.38 10.77
C MET B 5 -2.61 5.83 9.37
N PRO B 6 -3.32 6.36 8.36
CA PRO B 6 -3.07 6.00 6.97
C PRO B 6 -1.60 6.20 6.62
N MET B 7 -1.03 5.23 5.93
CA MET B 7 0.41 5.18 5.67
C MET B 7 0.89 6.41 4.91
N ILE B 8 0.02 6.97 4.08
CA ILE B 8 0.34 8.21 3.38
C ILE B 8 0.42 9.36 4.38
N GLU B 9 -0.57 9.45 5.25
CA GLU B 9 -0.61 10.47 6.30
C GLU B 9 0.60 10.33 7.24
N TYR B 10 0.92 9.09 7.59
CA TYR B 10 2.07 8.79 8.45
C TYR B 10 3.35 9.27 7.78
N LEU B 11 3.47 8.98 6.49
CA LEU B 11 4.63 9.38 5.70
C LEU B 11 4.77 10.90 5.71
N GLU B 12 3.65 11.59 5.51
CA GLU B 12 3.63 13.04 5.48
C GLU B 12 4.11 13.63 6.81
N ARG B 13 3.47 13.22 7.89
CA ARG B 13 3.72 13.83 9.20
C ARG B 13 5.09 13.48 9.75
N PHE B 14 5.49 12.22 9.63
CA PHE B 14 6.69 11.75 10.33
C PHE B 14 7.91 11.68 9.41
N SER B 15 7.76 11.11 8.24
CA SER B 15 8.90 10.79 7.40
C SER B 15 9.33 11.97 6.52
N LEU B 16 8.38 12.78 6.09
CA LEU B 16 8.68 13.82 5.11
C LEU B 16 8.53 15.23 5.64
N LYS B 17 7.56 15.42 6.53
CA LYS B 17 7.21 16.75 7.05
C LYS B 17 6.64 17.61 5.92
N ALA B 18 6.22 16.93 4.86
CA ALA B 18 5.72 17.59 3.67
C ALA B 18 4.41 16.96 3.20
N LYS B 19 3.96 17.34 2.02
CA LYS B 19 2.68 16.88 1.49
C LYS B 19 2.86 15.79 0.44
N ILE B 20 2.13 14.69 0.62
CA ILE B 20 2.10 13.61 -0.36
C ILE B 20 0.99 13.85 -1.38
N ASN B 21 1.37 14.09 -2.61
CA ASN B 21 0.42 14.25 -3.71
C ASN B 21 1.09 13.87 -5.03
N ASN B 22 0.61 14.40 -6.13
CA ASN B 22 1.14 14.03 -7.45
C ASN B 22 2.61 14.45 -7.64
N THR B 23 3.17 15.18 -6.69
CA THR B 23 4.56 15.62 -6.78
C THR B 23 5.50 14.70 -5.98
N THR B 24 5.01 13.53 -5.60
CA THR B 24 5.80 12.59 -4.81
C THR B 24 7.07 12.16 -5.54
N ASN B 25 8.20 12.23 -4.84
CA ASN B 25 9.44 11.65 -5.32
C ASN B 25 9.72 10.38 -4.55
N LEU B 26 8.82 10.06 -3.62
CA LEU B 26 8.96 8.90 -2.74
C LEU B 26 8.56 7.62 -3.44
N ASP B 27 8.14 7.75 -4.69
CA ASP B 27 7.84 6.59 -5.53
C ASP B 27 9.06 5.70 -5.64
N TYR B 28 10.13 6.25 -6.19
CA TYR B 28 11.36 5.51 -6.36
C TYR B 28 12.15 5.44 -5.06
N SER B 29 11.68 6.17 -4.05
CA SER B 29 12.32 6.16 -2.75
C SER B 29 11.76 5.03 -1.91
N ARG B 30 10.73 4.38 -2.44
CA ARG B 30 10.07 3.30 -1.73
C ARG B 30 11.08 2.22 -1.33
N ARG B 31 12.08 2.03 -2.16
CA ARG B 31 13.12 1.03 -1.91
C ARG B 31 13.90 1.39 -0.64
N PHE B 32 14.07 2.68 -0.37
CA PHE B 32 14.80 3.13 0.82
C PHE B 32 13.85 3.42 1.95
N LEU B 33 12.55 3.33 1.66
CA LEU B 33 11.54 3.44 2.68
C LEU B 33 11.30 2.05 3.29
N GLU B 34 11.67 1.03 2.50
CA GLU B 34 11.65 -0.36 2.96
C GLU B 34 12.25 -0.55 4.35
N PRO B 35 13.50 -0.07 4.59
CA PRO B 35 14.17 -0.26 5.88
C PRO B 35 13.34 0.24 7.06
N PHE B 36 12.52 1.26 6.82
CA PHE B 36 11.68 1.84 7.87
C PHE B 36 10.37 1.08 8.00
N LEU B 37 9.95 0.48 6.89
CA LEU B 37 8.64 -0.18 6.80
C LEU B 37 8.73 -1.66 7.17
N ARG B 38 9.92 -2.22 7.16
CA ARG B 38 10.11 -3.63 7.48
C ARG B 38 9.67 -3.95 8.89
N GLY B 39 8.82 -4.94 9.01
CA GLY B 39 8.43 -5.45 10.31
C GLY B 39 7.39 -4.59 10.99
N ILE B 40 6.43 -4.10 10.22
CA ILE B 40 5.33 -3.31 10.80
C ILE B 40 4.02 -4.06 10.64
N ASN B 41 2.98 -3.64 11.35
CA ASN B 41 1.66 -4.19 11.11
C ASN B 41 0.73 -3.10 10.59
N VAL B 42 0.16 -3.32 9.43
CA VAL B 42 -0.70 -2.33 8.82
C VAL B 42 -2.10 -2.88 8.65
N VAL B 43 -3.07 -2.07 9.03
CA VAL B 43 -4.46 -2.41 8.82
C VAL B 43 -4.84 -2.02 7.41
N TYR B 44 -5.09 -3.00 6.57
CA TYR B 44 -5.50 -2.74 5.21
C TYR B 44 -6.97 -2.40 5.19
N THR B 45 -7.27 -1.17 4.84
CA THR B 45 -8.63 -0.70 4.78
C THR B 45 -9.11 -0.68 3.33
N PRO B 46 -9.97 -1.64 2.96
CA PRO B 46 -10.56 -1.70 1.62
C PRO B 46 -11.42 -0.48 1.36
N PRO B 47 -11.18 0.20 0.22
CA PRO B 47 -11.91 1.41 -0.17
C PRO B 47 -13.42 1.25 -0.09
N GLN B 48 -14.11 2.37 0.07
CA GLN B 48 -15.55 2.40 0.29
C GLN B 48 -16.32 1.69 -0.83
N SER B 49 -15.71 1.59 -1.99
CA SER B 49 -16.35 0.96 -3.14
C SER B 49 -16.23 -0.57 -3.07
N PHE B 50 -15.43 -1.06 -2.12
CA PHE B 50 -15.21 -2.50 -1.98
C PHE B 50 -16.21 -3.09 -0.98
N GLN B 51 -16.47 -2.36 0.10
CA GLN B 51 -17.31 -2.85 1.18
C GLN B 51 -16.78 -4.17 1.72
N SER B 52 -15.47 -4.23 1.92
CA SER B 52 -14.82 -5.42 2.43
C SER B 52 -14.25 -5.14 3.83
N ALA B 53 -14.16 -6.18 4.64
CA ALA B 53 -13.67 -6.05 6.01
C ALA B 53 -12.16 -5.80 6.03
N PRO B 54 -11.72 -4.78 6.79
CA PRO B 54 -10.31 -4.43 6.93
C PRO B 54 -9.53 -5.49 7.71
N ARG B 55 -8.35 -5.84 7.21
CA ARG B 55 -7.52 -6.86 7.83
C ARG B 55 -6.08 -6.37 7.99
N VAL B 56 -5.48 -6.65 9.12
CA VAL B 56 -4.11 -6.24 9.38
C VAL B 56 -3.11 -7.25 8.82
N TYR B 57 -2.04 -6.75 8.21
CA TYR B 57 -1.01 -7.60 7.64
C TYR B 57 0.35 -7.20 8.18
N ARG B 58 1.18 -8.19 8.48
CA ARG B 58 2.55 -7.94 8.89
C ARG B 58 3.39 -7.62 7.67
N VAL B 59 3.86 -6.39 7.59
CA VAL B 59 4.72 -5.98 6.50
C VAL B 59 6.10 -6.56 6.67
N ASN B 60 6.48 -7.40 5.72
CA ASN B 60 7.83 -7.91 5.65
C ASN B 60 8.68 -6.93 4.87
N GLY B 61 8.03 -6.18 3.99
CA GLY B 61 8.69 -5.11 3.28
C GLY B 61 7.90 -4.61 2.10
N LEU B 62 8.59 -4.36 1.00
CA LEU B 62 7.95 -3.86 -0.21
C LEU B 62 8.28 -4.73 -1.40
N SER B 63 7.35 -4.81 -2.32
CA SER B 63 7.54 -5.55 -3.55
C SER B 63 8.26 -4.67 -4.58
N ARG B 64 9.03 -5.31 -5.43
CA ARG B 64 9.96 -4.61 -6.32
C ARG B 64 9.26 -3.91 -7.48
N ALA B 65 7.96 -4.09 -7.61
CA ALA B 65 7.22 -3.49 -8.70
C ALA B 65 5.98 -2.74 -8.19
N PRO B 66 5.77 -1.52 -8.72
CA PRO B 66 4.59 -0.70 -8.39
C PRO B 66 3.28 -1.29 -8.90
N ALA B 67 2.18 -0.70 -8.45
CA ALA B 67 0.83 -1.21 -8.72
C ALA B 67 0.45 -1.07 -10.19
N SER B 68 1.09 -0.13 -10.88
CA SER B 68 0.85 0.08 -12.29
C SER B 68 1.75 -0.81 -13.16
N SER B 69 2.61 -1.58 -12.49
CA SER B 69 3.54 -2.45 -13.19
C SER B 69 3.09 -3.91 -13.10
N GLU B 70 2.83 -4.39 -11.88
CA GLU B 70 2.46 -5.79 -11.67
C GLU B 70 1.09 -6.11 -12.23
N THR B 71 0.98 -7.30 -12.81
CA THR B 71 -0.26 -7.77 -13.41
C THR B 71 -0.61 -9.15 -12.89
N PHE B 72 -1.89 -9.41 -12.74
CA PHE B 72 -2.35 -10.75 -12.40
C PHE B 72 -3.45 -11.17 -13.36
N GLU B 73 -3.55 -12.47 -13.62
CA GLU B 73 -4.51 -12.95 -14.60
C GLU B 73 -5.87 -13.18 -13.95
N HIS B 74 -6.82 -12.37 -14.37
CA HIS B 74 -8.19 -12.47 -13.91
C HIS B 74 -9.11 -12.29 -15.10
N ASP B 75 -10.03 -13.23 -15.30
CA ASP B 75 -10.93 -13.22 -16.47
C ASP B 75 -10.12 -13.51 -17.73
N GLY B 76 -8.92 -14.07 -17.54
CA GLY B 76 -8.03 -14.32 -18.64
C GLY B 76 -7.24 -13.09 -19.01
N LYS B 77 -7.54 -11.99 -18.34
CA LYS B 77 -6.88 -10.73 -18.61
C LYS B 77 -5.80 -10.47 -17.56
N LYS B 78 -4.62 -10.08 -17.99
CA LYS B 78 -3.59 -9.69 -17.05
C LYS B 78 -3.74 -8.21 -16.73
N VAL B 79 -4.42 -7.95 -15.63
CA VAL B 79 -4.72 -6.59 -15.22
C VAL B 79 -3.71 -6.11 -14.18
N THR B 80 -3.39 -4.84 -14.21
CA THR B 80 -2.47 -4.27 -13.23
C THR B 80 -3.18 -4.06 -11.90
N ILE B 81 -2.42 -4.05 -10.82
CA ILE B 81 -3.00 -3.85 -9.49
C ILE B 81 -3.84 -2.57 -9.49
N ALA B 82 -3.26 -1.50 -10.03
CA ALA B 82 -3.92 -0.20 -10.09
C ALA B 82 -5.23 -0.26 -10.86
N SER B 83 -5.25 -1.01 -11.95
CA SER B 83 -6.44 -1.10 -12.80
C SER B 83 -7.56 -1.84 -12.08
N TYR B 84 -7.21 -2.87 -11.31
CA TYR B 84 -8.21 -3.65 -10.61
C TYR B 84 -8.96 -2.79 -9.60
N PHE B 85 -8.22 -1.97 -8.86
CA PHE B 85 -8.81 -1.05 -7.90
C PHE B 85 -9.64 0.01 -8.61
N HIS B 86 -9.14 0.48 -9.74
CA HIS B 86 -9.84 1.47 -10.54
C HIS B 86 -11.15 0.89 -11.08
N SER B 87 -11.13 -0.39 -11.45
CA SER B 87 -12.32 -1.07 -11.92
C SER B 87 -13.32 -1.27 -10.78
N ARG B 88 -12.80 -1.41 -9.56
CA ARG B 88 -13.63 -1.48 -8.36
C ARG B 88 -14.17 -0.09 -8.01
N ASN B 89 -13.87 0.87 -8.87
CA ASN B 89 -14.31 2.26 -8.75
C ASN B 89 -13.57 2.96 -7.63
N TYR B 90 -12.25 2.85 -7.66
CA TYR B 90 -11.38 3.62 -6.79
C TYR B 90 -10.04 3.87 -7.48
N PRO B 91 -9.86 5.06 -8.04
CA PRO B 91 -8.62 5.42 -8.72
C PRO B 91 -7.48 5.72 -7.73
N LEU B 92 -6.40 4.96 -7.85
CA LEU B 92 -5.24 5.16 -6.99
C LEU B 92 -4.54 6.46 -7.35
N LYS B 93 -4.29 7.29 -6.35
CA LYS B 93 -3.70 8.60 -6.57
C LYS B 93 -2.21 8.50 -6.88
N PHE B 94 -1.58 7.46 -6.37
CA PHE B 94 -0.15 7.24 -6.59
C PHE B 94 0.14 5.75 -6.76
N PRO B 95 -0.33 5.16 -7.86
CA PRO B 95 -0.15 3.73 -8.12
C PRO B 95 1.28 3.35 -8.47
N GLN B 96 2.13 4.36 -8.65
CA GLN B 96 3.51 4.14 -9.03
C GLN B 96 4.35 3.83 -7.78
N LEU B 97 3.71 3.94 -6.62
CA LEU B 97 4.32 3.55 -5.37
C LEU B 97 4.45 2.03 -5.33
N HIS B 98 5.66 1.56 -5.04
CA HIS B 98 5.94 0.13 -4.92
C HIS B 98 4.96 -0.51 -3.94
N CYS B 99 4.34 -1.60 -4.40
CA CYS B 99 3.31 -2.27 -3.65
C CYS B 99 3.85 -2.85 -2.35
N LEU B 100 3.00 -2.86 -1.34
CA LEU B 100 3.37 -3.34 -0.03
C LEU B 100 3.46 -4.86 -0.04
N ASN B 101 4.60 -5.39 0.39
CA ASN B 101 4.81 -6.82 0.41
C ASN B 101 4.38 -7.37 1.76
N VAL B 102 3.16 -7.88 1.79
CA VAL B 102 2.57 -8.40 3.02
C VAL B 102 1.91 -9.75 2.77
N GLY B 103 1.13 -10.20 3.75
CA GLY B 103 0.41 -11.45 3.62
C GLY B 103 1.23 -12.61 4.13
N SER B 104 2.19 -13.04 3.32
CA SER B 104 3.08 -14.12 3.68
C SER B 104 4.39 -13.98 2.92
N SER B 105 5.44 -14.60 3.43
CA SER B 105 6.72 -14.59 2.76
C SER B 105 6.74 -15.63 1.63
N ILE B 106 5.90 -16.65 1.77
CA ILE B 106 5.75 -17.66 0.73
C ILE B 106 4.56 -17.32 -0.18
N LYS B 107 3.64 -16.54 0.36
CA LYS B 107 2.50 -16.05 -0.41
C LYS B 107 2.42 -14.54 -0.28
N SER B 108 3.15 -13.84 -1.12
CA SER B 108 3.19 -12.39 -1.04
C SER B 108 2.02 -11.78 -1.78
N ILE B 109 1.39 -10.80 -1.15
CA ILE B 109 0.34 -10.03 -1.77
C ILE B 109 0.78 -8.59 -1.89
N LEU B 110 0.51 -7.99 -3.02
CA LEU B 110 0.89 -6.62 -3.26
C LEU B 110 -0.29 -5.70 -3.06
N LEU B 111 -0.16 -4.76 -2.13
CA LEU B 111 -1.24 -3.86 -1.80
C LEU B 111 -0.76 -2.42 -1.84
N PRO B 112 -1.58 -1.52 -2.40
CA PRO B 112 -1.28 -0.10 -2.40
C PRO B 112 -1.17 0.43 -0.98
N ILE B 113 0.05 0.82 -0.60
CA ILE B 113 0.32 1.29 0.76
C ILE B 113 -0.56 2.49 1.11
N GLU B 114 -1.08 3.17 0.09
CA GLU B 114 -2.07 4.24 0.27
C GLU B 114 -3.26 3.76 1.12
N LEU B 115 -3.65 2.51 0.93
CA LEU B 115 -4.82 1.95 1.63
C LEU B 115 -4.40 1.15 2.84
N CYS B 116 -3.11 1.18 3.12
CA CYS B 116 -2.59 0.54 4.30
C CYS B 116 -2.37 1.58 5.37
N SER B 117 -2.61 1.21 6.61
CA SER B 117 -2.51 2.16 7.71
C SER B 117 -1.74 1.56 8.87
N ILE B 118 -0.84 2.35 9.43
CA ILE B 118 -0.01 1.91 10.53
C ILE B 118 -0.81 1.91 11.82
N GLU B 119 -0.78 0.79 12.52
CA GLU B 119 -1.46 0.65 13.79
C GLU B 119 -0.67 1.36 14.88
N GLU B 120 -1.39 2.06 15.74
CA GLU B 120 -0.82 2.88 16.81
C GLU B 120 0.03 2.06 17.76
N GLY B 121 -0.20 0.75 17.79
CA GLY B 121 0.50 -0.11 18.72
C GLY B 121 1.87 -0.52 18.23
N GLN B 122 2.16 -0.23 16.98
CA GLN B 122 3.42 -0.60 16.38
C GLN B 122 4.51 0.43 16.71
N ALA B 123 4.09 1.67 16.81
CA ALA B 123 5.00 2.76 17.13
C ALA B 123 5.21 2.84 18.64
N GLY B 1 -4.86 1.49 21.76
CA GLY B 1 -4.50 2.33 20.59
C GLY B 1 -5.72 2.79 19.84
N ALA B 2 -6.18 1.96 18.91
CA ALA B 2 -7.36 2.24 18.09
C ALA B 2 -7.20 3.53 17.29
N MET B 3 -5.98 3.78 16.83
CA MET B 3 -5.69 4.96 16.04
C MET B 3 -4.86 4.59 14.82
N ALA B 4 -5.53 4.41 13.70
CA ALA B 4 -4.87 4.02 12.47
C ALA B 4 -4.44 5.25 11.69
N MET B 5 -3.14 5.39 11.51
CA MET B 5 -2.59 6.49 10.74
C MET B 5 -2.34 6.03 9.32
N PRO B 6 -3.02 6.66 8.33
CA PRO B 6 -2.81 6.34 6.92
C PRO B 6 -1.34 6.37 6.57
N MET B 7 -0.88 5.31 5.90
CA MET B 7 0.53 5.12 5.60
C MET B 7 1.08 6.30 4.79
N ILE B 8 0.23 6.89 3.98
CA ILE B 8 0.61 8.07 3.21
C ILE B 8 0.82 9.25 4.14
N GLU B 9 -0.09 9.42 5.10
CA GLU B 9 -0.02 10.52 6.06
C GLU B 9 1.17 10.30 7.01
N TYR B 10 1.51 9.04 7.23
CA TYR B 10 2.69 8.68 8.01
C TYR B 10 3.94 9.27 7.35
N LEU B 11 4.02 9.12 6.03
CA LEU B 11 5.11 9.71 5.26
C LEU B 11 5.00 11.24 5.24
N GLU B 12 3.78 11.74 5.10
CA GLU B 12 3.54 13.17 5.11
C GLU B 12 4.09 13.82 6.37
N ARG B 13 3.65 13.30 7.52
CA ARG B 13 3.98 13.91 8.80
C ARG B 13 5.39 13.55 9.29
N PHE B 14 5.84 12.34 9.03
CA PHE B 14 7.09 11.87 9.64
C PHE B 14 8.21 11.65 8.62
N SER B 15 7.98 10.76 7.67
CA SER B 15 9.03 10.32 6.76
C SER B 15 9.58 11.45 5.89
N LEU B 16 8.69 12.19 5.24
CA LEU B 16 9.11 13.20 4.27
C LEU B 16 8.96 14.61 4.82
N LYS B 17 8.07 14.77 5.80
CA LYS B 17 7.78 16.08 6.41
C LYS B 17 7.05 16.99 5.41
N ALA B 18 6.63 16.39 4.31
CA ALA B 18 5.90 17.08 3.26
C ALA B 18 4.69 16.26 2.88
N LYS B 19 3.60 16.92 2.51
CA LYS B 19 2.36 16.22 2.25
C LYS B 19 2.41 15.54 0.87
N ILE B 20 2.06 14.27 0.84
CA ILE B 20 2.18 13.47 -0.36
C ILE B 20 1.01 13.72 -1.32
N ASN B 21 1.35 13.91 -2.58
CA ASN B 21 0.37 13.98 -3.64
C ASN B 21 0.89 13.18 -4.84
N ASN B 22 0.25 13.29 -5.99
CA ASN B 22 0.61 12.46 -7.13
C ASN B 22 1.99 12.80 -7.71
N THR B 23 2.52 13.97 -7.38
CA THR B 23 3.80 14.40 -7.94
C THR B 23 4.99 14.04 -7.03
N THR B 24 4.77 13.15 -6.07
CA THR B 24 5.85 12.73 -5.18
C THR B 24 6.72 11.66 -5.84
N ASN B 25 8.01 11.68 -5.54
CA ASN B 25 8.94 10.71 -6.10
C ASN B 25 9.36 9.70 -5.05
N LEU B 26 8.39 8.98 -4.51
CA LEU B 26 8.66 7.95 -3.52
C LEU B 26 9.21 6.70 -4.19
N ASP B 27 9.25 6.71 -5.51
CA ASP B 27 9.78 5.58 -6.26
C ASP B 27 11.28 5.43 -6.05
N TYR B 28 11.96 6.54 -5.80
CA TYR B 28 13.40 6.50 -5.53
C TYR B 28 13.66 6.15 -4.08
N SER B 29 12.64 6.31 -3.23
CA SER B 29 12.85 6.19 -1.80
C SER B 29 12.22 4.93 -1.22
N ARG B 30 11.15 4.43 -1.85
CA ARG B 30 10.41 3.30 -1.28
C ARG B 30 11.33 2.09 -1.06
N ARG B 31 12.30 1.93 -1.94
CA ARG B 31 13.24 0.81 -1.84
C ARG B 31 14.22 0.98 -0.68
N PHE B 32 14.25 2.18 -0.08
CA PHE B 32 15.08 2.41 1.10
C PHE B 32 14.18 2.63 2.31
N LEU B 33 12.88 2.75 2.03
CA LEU B 33 11.88 2.78 3.08
C LEU B 33 11.55 1.36 3.50
N GLU B 34 11.92 0.40 2.65
CA GLU B 34 11.80 -1.02 2.97
C GLU B 34 12.42 -1.36 4.32
N PRO B 35 13.70 -0.99 4.58
CA PRO B 35 14.35 -1.26 5.86
C PRO B 35 13.61 -0.66 7.05
N PHE B 36 12.86 0.41 6.79
CA PHE B 36 12.11 1.11 7.83
C PHE B 36 10.75 0.45 8.04
N LEU B 37 10.28 -0.22 7.00
CA LEU B 37 8.97 -0.88 7.01
C LEU B 37 9.11 -2.35 7.37
N ARG B 38 10.35 -2.78 7.56
CA ARG B 38 10.65 -4.15 7.94
C ARG B 38 9.97 -4.53 9.27
N GLY B 39 8.87 -5.27 9.15
CA GLY B 39 8.20 -5.79 10.33
C GLY B 39 7.26 -4.80 10.96
N ILE B 40 6.49 -4.08 10.13
CA ILE B 40 5.51 -3.12 10.66
C ILE B 40 4.11 -3.73 10.58
N ASN B 41 3.13 -3.03 11.14
CA ASN B 41 1.77 -3.52 11.14
C ASN B 41 0.88 -2.54 10.40
N VAL B 42 0.06 -3.04 9.49
CA VAL B 42 -0.81 -2.17 8.73
C VAL B 42 -2.22 -2.72 8.69
N VAL B 43 -3.18 -1.86 8.94
CA VAL B 43 -4.57 -2.19 8.75
C VAL B 43 -4.93 -1.93 7.31
N TYR B 44 -5.22 -2.99 6.58
CA TYR B 44 -5.62 -2.87 5.20
C TYR B 44 -7.09 -2.48 5.14
N THR B 45 -7.33 -1.22 4.80
CA THR B 45 -8.69 -0.72 4.69
C THR B 45 -9.15 -0.76 3.23
N PRO B 46 -10.02 -1.72 2.90
CA PRO B 46 -10.57 -1.84 1.55
C PRO B 46 -11.56 -0.71 1.27
N PRO B 47 -11.49 -0.13 0.06
CA PRO B 47 -12.42 0.89 -0.37
C PRO B 47 -13.87 0.41 -0.25
N GLN B 48 -14.75 1.35 0.09
CA GLN B 48 -16.17 1.07 0.30
C GLN B 48 -16.79 0.33 -0.88
N SER B 49 -16.20 0.54 -2.04
CA SER B 49 -16.66 -0.07 -3.29
C SER B 49 -16.52 -1.60 -3.24
N PHE B 50 -15.68 -2.09 -2.33
CA PHE B 50 -15.44 -3.52 -2.18
C PHE B 50 -16.34 -4.12 -1.11
N GLN B 51 -16.71 -3.28 -0.14
CA GLN B 51 -17.47 -3.71 1.03
C GLN B 51 -16.75 -4.84 1.76
N SER B 52 -15.43 -4.82 1.69
CA SER B 52 -14.62 -5.84 2.33
C SER B 52 -14.20 -5.37 3.72
N ALA B 53 -14.07 -6.32 4.65
CA ALA B 53 -13.73 -6.01 6.03
C ALA B 53 -12.23 -5.75 6.16
N PRO B 54 -11.86 -4.63 6.81
CA PRO B 54 -10.45 -4.28 7.05
C PRO B 54 -9.72 -5.37 7.83
N ARG B 55 -8.51 -5.67 7.40
CA ARG B 55 -7.73 -6.73 8.02
C ARG B 55 -6.29 -6.27 8.21
N VAL B 56 -5.69 -6.64 9.33
CA VAL B 56 -4.33 -6.22 9.65
C VAL B 56 -3.31 -7.20 9.10
N TYR B 57 -2.25 -6.68 8.49
CA TYR B 57 -1.20 -7.51 7.93
C TYR B 57 0.15 -7.01 8.43
N ARG B 58 1.09 -7.93 8.63
CA ARG B 58 2.43 -7.53 9.01
C ARG B 58 3.28 -7.34 7.76
N VAL B 59 3.84 -6.16 7.62
CA VAL B 59 4.68 -5.85 6.48
C VAL B 59 6.05 -6.46 6.63
N ASN B 60 6.37 -7.36 5.71
CA ASN B 60 7.71 -7.91 5.62
C ASN B 60 8.59 -6.95 4.86
N GLY B 61 7.98 -6.25 3.90
CA GLY B 61 8.69 -5.23 3.18
C GLY B 61 7.86 -4.66 2.04
N LEU B 62 8.51 -4.37 0.93
CA LEU B 62 7.83 -3.79 -0.20
C LEU B 62 8.12 -4.58 -1.47
N SER B 63 7.25 -4.44 -2.44
CA SER B 63 7.47 -5.00 -3.76
C SER B 63 8.07 -3.92 -4.67
N ARG B 64 9.10 -4.30 -5.39
CA ARG B 64 9.98 -3.35 -6.08
C ARG B 64 9.33 -2.73 -7.33
N ALA B 65 8.15 -3.20 -7.69
CA ALA B 65 7.44 -2.68 -8.84
C ALA B 65 6.14 -2.01 -8.44
N PRO B 66 5.91 -0.76 -8.90
CA PRO B 66 4.69 0.00 -8.61
C PRO B 66 3.42 -0.69 -9.11
N ALA B 67 2.29 -0.29 -8.53
CA ALA B 67 1.00 -0.96 -8.76
C ALA B 67 0.49 -0.73 -10.18
N SER B 68 1.13 0.17 -10.90
CA SER B 68 0.76 0.45 -12.27
C SER B 68 1.50 -0.47 -13.23
N SER B 69 2.41 -1.28 -12.69
CA SER B 69 3.19 -2.19 -13.51
C SER B 69 2.96 -3.64 -13.08
N GLU B 70 2.84 -3.86 -11.78
CA GLU B 70 2.62 -5.21 -11.26
C GLU B 70 1.23 -5.71 -11.64
N THR B 71 1.22 -6.87 -12.27
CA THR B 71 0.00 -7.47 -12.79
C THR B 71 -0.33 -8.77 -12.07
N PHE B 72 -1.60 -9.15 -12.11
CA PHE B 72 -2.03 -10.46 -11.66
C PHE B 72 -3.14 -10.96 -12.57
N GLU B 73 -3.17 -12.26 -12.81
CA GLU B 73 -4.12 -12.85 -13.75
C GLU B 73 -5.49 -12.97 -13.12
N HIS B 74 -6.40 -12.11 -13.57
CA HIS B 74 -7.77 -12.09 -13.08
C HIS B 74 -8.73 -12.29 -14.25
N ASP B 75 -9.48 -13.39 -14.21
CA ASP B 75 -10.42 -13.75 -15.28
C ASP B 75 -9.71 -13.91 -16.61
N GLY B 76 -8.46 -14.38 -16.55
CA GLY B 76 -7.68 -14.61 -17.75
C GLY B 76 -6.88 -13.41 -18.18
N LYS B 77 -7.25 -12.24 -17.69
CA LYS B 77 -6.56 -11.01 -18.04
C LYS B 77 -5.61 -10.60 -16.92
N LYS B 78 -4.37 -10.30 -17.26
CA LYS B 78 -3.43 -9.82 -16.27
C LYS B 78 -3.58 -8.32 -16.09
N VAL B 79 -4.34 -7.93 -15.09
CA VAL B 79 -4.56 -6.54 -14.77
C VAL B 79 -3.57 -6.10 -13.69
N THR B 80 -3.17 -4.83 -13.73
CA THR B 80 -2.28 -4.32 -12.72
C THR B 80 -3.04 -4.07 -11.43
N ILE B 81 -2.34 -4.02 -10.31
CA ILE B 81 -2.97 -3.81 -9.01
C ILE B 81 -3.89 -2.58 -9.07
N ALA B 82 -3.35 -1.50 -9.64
CA ALA B 82 -4.08 -0.26 -9.79
C ALA B 82 -5.34 -0.44 -10.64
N SER B 83 -5.22 -1.23 -11.70
CA SER B 83 -6.34 -1.44 -12.62
C SER B 83 -7.48 -2.19 -11.95
N TYR B 84 -7.13 -3.09 -11.02
CA TYR B 84 -8.14 -3.87 -10.32
C TYR B 84 -8.99 -2.97 -9.44
N PHE B 85 -8.35 -2.12 -8.65
CA PHE B 85 -9.05 -1.17 -7.80
C PHE B 85 -9.79 -0.15 -8.65
N HIS B 86 -9.12 0.31 -9.70
CA HIS B 86 -9.69 1.27 -10.65
C HIS B 86 -11.01 0.75 -11.21
N SER B 87 -10.96 -0.48 -11.70
CA SER B 87 -12.13 -1.12 -12.30
C SER B 87 -13.22 -1.40 -11.27
N ARG B 88 -12.83 -1.55 -10.01
CA ARG B 88 -13.80 -1.78 -8.94
C ARG B 88 -14.30 -0.47 -8.37
N ASN B 89 -14.07 0.62 -9.11
CA ASN B 89 -14.56 1.96 -8.75
C ASN B 89 -13.77 2.52 -7.57
N TYR B 90 -12.46 2.59 -7.74
CA TYR B 90 -11.59 3.32 -6.83
C TYR B 90 -10.25 3.59 -7.51
N PRO B 91 -10.06 4.81 -8.02
CA PRO B 91 -8.82 5.20 -8.67
C PRO B 91 -7.73 5.57 -7.66
N LEU B 92 -6.67 4.77 -7.62
CA LEU B 92 -5.52 5.05 -6.77
C LEU B 92 -4.91 6.40 -7.13
N LYS B 93 -4.58 7.18 -6.12
CA LYS B 93 -4.12 8.55 -6.31
C LYS B 93 -2.66 8.59 -6.72
N PHE B 94 -1.89 7.62 -6.25
CA PHE B 94 -0.47 7.52 -6.59
C PHE B 94 0.01 6.07 -6.55
N PRO B 95 -0.46 5.22 -7.48
CA PRO B 95 -0.05 3.83 -7.57
C PRO B 95 1.39 3.67 -8.06
N GLN B 96 2.00 4.78 -8.46
CA GLN B 96 3.37 4.78 -8.96
C GLN B 96 4.36 4.83 -7.80
N LEU B 97 3.85 4.75 -6.57
CA LEU B 97 4.69 4.83 -5.39
C LEU B 97 4.94 3.44 -4.79
N HIS B 98 5.11 2.45 -5.68
CA HIS B 98 5.42 1.07 -5.28
C HIS B 98 4.26 0.36 -4.59
N CYS B 99 4.47 -0.92 -4.27
CA CYS B 99 3.43 -1.75 -3.68
C CYS B 99 3.88 -2.29 -2.34
N LEU B 100 2.92 -2.56 -1.47
CA LEU B 100 3.21 -3.09 -0.15
C LEU B 100 3.35 -4.61 -0.23
N ASN B 101 4.40 -5.15 0.37
CA ASN B 101 4.63 -6.59 0.34
C ASN B 101 4.26 -7.20 1.68
N VAL B 102 3.04 -7.73 1.76
CA VAL B 102 2.53 -8.33 2.96
C VAL B 102 1.97 -9.73 2.69
N GLY B 103 1.26 -10.27 3.65
CA GLY B 103 0.67 -11.58 3.48
C GLY B 103 1.63 -12.68 3.89
N SER B 104 2.50 -13.06 2.97
CA SER B 104 3.48 -14.08 3.21
C SER B 104 4.70 -13.85 2.32
N SER B 105 5.85 -14.35 2.75
CA SER B 105 7.05 -14.27 1.96
C SER B 105 7.01 -15.28 0.82
N ILE B 106 6.13 -16.26 0.96
CA ILE B 106 5.91 -17.24 -0.08
C ILE B 106 4.72 -16.80 -0.93
N LYS B 107 3.65 -16.45 -0.24
CA LYS B 107 2.44 -15.94 -0.88
C LYS B 107 2.41 -14.42 -0.73
N SER B 108 3.06 -13.72 -1.63
CA SER B 108 3.14 -12.27 -1.56
C SER B 108 1.88 -11.63 -2.12
N ILE B 109 1.31 -10.71 -1.38
CA ILE B 109 0.20 -9.92 -1.85
C ILE B 109 0.60 -8.46 -1.91
N LEU B 110 0.35 -7.84 -3.05
CA LEU B 110 0.74 -6.46 -3.25
C LEU B 110 -0.46 -5.56 -3.05
N LEU B 111 -0.34 -4.64 -2.10
CA LEU B 111 -1.44 -3.77 -1.74
C LEU B 111 -1.02 -2.32 -1.86
N PRO B 112 -1.94 -1.43 -2.25
CA PRO B 112 -1.66 -0.01 -2.29
C PRO B 112 -1.43 0.52 -0.89
N ILE B 113 -0.16 0.81 -0.59
CA ILE B 113 0.22 1.38 0.70
C ILE B 113 -0.57 2.67 0.95
N GLU B 114 -1.07 3.24 -0.15
CA GLU B 114 -1.98 4.38 -0.12
C GLU B 114 -3.18 4.13 0.80
N LEU B 115 -3.71 2.91 0.79
CA LEU B 115 -4.88 2.57 1.60
C LEU B 115 -4.51 1.59 2.70
N CYS B 116 -3.23 1.49 2.96
CA CYS B 116 -2.75 0.75 4.11
C CYS B 116 -2.44 1.76 5.21
N SER B 117 -2.60 1.36 6.45
CA SER B 117 -2.47 2.31 7.53
C SER B 117 -1.75 1.70 8.74
N ILE B 118 -0.78 2.43 9.27
CA ILE B 118 -0.03 2.00 10.43
C ILE B 118 -0.85 2.24 11.69
N GLU B 119 -0.97 1.23 12.54
CA GLU B 119 -1.75 1.37 13.75
C GLU B 119 -0.83 1.66 14.92
N GLU B 120 -1.06 2.78 15.61
CA GLU B 120 -0.17 3.21 16.67
C GLU B 120 -0.42 2.42 17.94
N GLY B 121 -1.54 1.70 17.99
CA GLY B 121 -1.82 0.84 19.11
C GLY B 121 -1.20 -0.53 18.95
N GLN B 122 -1.04 -0.96 17.70
CA GLN B 122 -0.47 -2.27 17.41
C GLN B 122 1.05 -2.18 17.30
N ALA B 123 1.56 -0.95 17.20
CA ALA B 123 2.98 -0.71 17.13
C ALA B 123 3.57 -0.52 18.52
N GLY B 1 -9.54 4.46 22.62
CA GLY B 1 -10.14 3.94 21.36
C GLY B 1 -9.10 3.30 20.47
N ALA B 2 -9.46 3.10 19.21
CA ALA B 2 -8.55 2.49 18.26
C ALA B 2 -8.45 3.33 17.00
N MET B 3 -7.30 3.96 16.80
CA MET B 3 -7.10 4.82 15.64
C MET B 3 -5.72 4.58 15.05
N ALA B 4 -5.70 3.92 13.92
CA ALA B 4 -4.46 3.68 13.20
C ALA B 4 -4.12 4.88 12.32
N MET B 5 -2.84 5.18 12.20
CA MET B 5 -2.38 6.35 11.45
C MET B 5 -2.13 5.99 9.99
N PRO B 6 -2.96 6.53 9.07
CA PRO B 6 -2.83 6.26 7.63
C PRO B 6 -1.41 6.48 7.13
N MET B 7 -0.91 5.49 6.39
CA MET B 7 0.47 5.45 5.93
C MET B 7 0.86 6.70 5.14
N ILE B 8 -0.05 7.20 4.33
CA ILE B 8 0.22 8.41 3.56
C ILE B 8 0.45 9.59 4.48
N GLU B 9 -0.38 9.71 5.52
CA GLU B 9 -0.26 10.81 6.46
C GLU B 9 0.96 10.61 7.36
N TYR B 10 1.28 9.35 7.63
CA TYR B 10 2.49 9.00 8.37
C TYR B 10 3.71 9.49 7.60
N LEU B 11 3.62 9.37 6.27
CA LEU B 11 4.66 9.87 5.38
C LEU B 11 4.70 11.39 5.40
N GLU B 12 3.55 12.02 5.25
CA GLU B 12 3.44 13.48 5.21
C GLU B 12 4.04 14.09 6.48
N ARG B 13 3.55 13.66 7.63
CA ARG B 13 3.91 14.28 8.90
C ARG B 13 5.26 13.80 9.43
N PHE B 14 5.49 12.50 9.39
CA PHE B 14 6.64 11.91 10.09
C PHE B 14 7.78 11.56 9.14
N SER B 15 7.51 10.67 8.19
CA SER B 15 8.57 10.06 7.40
C SER B 15 9.22 11.03 6.41
N LEU B 16 8.42 11.71 5.62
CA LEU B 16 8.96 12.50 4.52
C LEU B 16 9.01 13.99 4.84
N LYS B 17 8.11 14.43 5.73
CA LYS B 17 7.95 15.85 6.06
C LYS B 17 7.42 16.61 4.84
N ALA B 18 6.90 15.85 3.89
CA ALA B 18 6.38 16.39 2.65
C ALA B 18 4.94 15.96 2.43
N LYS B 19 4.11 16.90 1.98
CA LYS B 19 2.71 16.63 1.71
C LYS B 19 2.57 15.69 0.53
N ILE B 20 1.78 14.63 0.71
CA ILE B 20 1.64 13.62 -0.32
C ILE B 20 0.45 13.89 -1.22
N ASN B 21 0.76 14.18 -2.47
CA ASN B 21 -0.23 14.33 -3.51
C ASN B 21 0.04 13.28 -4.57
N ASN B 22 -0.56 13.43 -5.75
CA ASN B 22 -0.29 12.48 -6.83
C ASN B 22 1.11 12.74 -7.42
N THR B 23 1.69 13.89 -7.07
CA THR B 23 2.95 14.30 -7.65
C THR B 23 4.10 14.28 -6.62
N THR B 24 3.88 13.64 -5.48
CA THR B 24 4.94 13.50 -4.49
C THR B 24 5.92 12.43 -4.94
N ASN B 25 7.21 12.76 -4.90
CA ASN B 25 8.22 11.90 -5.49
C ASN B 25 8.82 10.96 -4.46
N LEU B 26 7.96 10.24 -3.76
CA LEU B 26 8.39 9.27 -2.77
C LEU B 26 8.59 7.90 -3.41
N ASP B 27 8.23 7.79 -4.67
CA ASP B 27 8.26 6.52 -5.40
C ASP B 27 9.68 5.99 -5.54
N TYR B 28 10.62 6.88 -5.88
CA TYR B 28 12.01 6.48 -6.02
C TYR B 28 12.65 6.24 -4.66
N SER B 29 12.02 6.77 -3.61
CA SER B 29 12.52 6.60 -2.26
C SER B 29 11.90 5.36 -1.62
N ARG B 30 10.80 4.89 -2.20
CA ARG B 30 10.04 3.79 -1.63
C ARG B 30 10.94 2.56 -1.42
N ARG B 31 11.91 2.36 -2.30
CA ARG B 31 12.80 1.21 -2.20
C ARG B 31 13.71 1.30 -0.96
N PHE B 32 14.01 2.53 -0.53
CA PHE B 32 14.85 2.73 0.66
C PHE B 32 13.95 3.01 1.85
N LEU B 33 12.67 2.95 1.58
CA LEU B 33 11.68 3.01 2.63
C LEU B 33 11.31 1.59 3.05
N GLU B 34 11.78 0.60 2.26
CA GLU B 34 11.71 -0.80 2.67
C GLU B 34 12.30 -1.01 4.07
N PRO B 35 13.56 -0.57 4.33
CA PRO B 35 14.20 -0.76 5.63
C PRO B 35 13.42 -0.11 6.77
N PHE B 36 12.59 0.86 6.43
CA PHE B 36 11.76 1.56 7.42
C PHE B 36 10.47 0.79 7.69
N LEU B 37 9.99 0.08 6.68
CA LEU B 37 8.71 -0.61 6.75
C LEU B 37 8.86 -2.06 7.21
N ARG B 38 10.09 -2.55 7.22
CA ARG B 38 10.35 -3.92 7.61
C ARG B 38 9.93 -4.19 9.03
N GLY B 39 8.92 -5.03 9.19
CA GLY B 39 8.55 -5.46 10.51
C GLY B 39 7.50 -4.58 11.15
N ILE B 40 6.54 -4.11 10.37
CA ILE B 40 5.45 -3.29 10.92
C ILE B 40 4.13 -4.02 10.78
N ASN B 41 3.09 -3.51 11.43
CA ASN B 41 1.75 -4.08 11.29
C ASN B 41 0.80 -2.99 10.84
N VAL B 42 0.12 -3.22 9.72
CA VAL B 42 -0.73 -2.20 9.15
C VAL B 42 -2.14 -2.74 8.93
N VAL B 43 -3.13 -1.95 9.32
CA VAL B 43 -4.51 -2.31 9.09
C VAL B 43 -4.90 -1.90 7.68
N TYR B 44 -5.08 -2.89 6.82
CA TYR B 44 -5.46 -2.63 5.45
C TYR B 44 -6.95 -2.32 5.37
N THR B 45 -7.25 -1.08 5.03
CA THR B 45 -8.62 -0.63 4.93
C THR B 45 -9.04 -0.54 3.47
N PRO B 46 -9.84 -1.51 3.01
CA PRO B 46 -10.33 -1.55 1.63
C PRO B 46 -11.40 -0.51 1.38
N PRO B 47 -11.33 0.17 0.23
CA PRO B 47 -12.35 1.14 -0.19
C PRO B 47 -13.74 0.51 -0.18
N GLN B 48 -14.73 1.32 0.17
CA GLN B 48 -16.10 0.83 0.37
C GLN B 48 -16.73 0.33 -0.92
N SER B 49 -16.05 0.53 -2.04
CA SER B 49 -16.51 0.00 -3.31
C SER B 49 -16.16 -1.47 -3.43
N PHE B 50 -15.21 -1.91 -2.61
CA PHE B 50 -14.80 -3.31 -2.58
C PHE B 50 -15.71 -4.12 -1.68
N GLN B 51 -16.18 -3.47 -0.61
CA GLN B 51 -17.00 -4.11 0.41
C GLN B 51 -16.21 -5.21 1.13
N SER B 52 -14.89 -5.06 1.12
CA SER B 52 -14.02 -6.00 1.79
C SER B 52 -13.81 -5.57 3.24
N ALA B 53 -13.64 -6.54 4.12
CA ALA B 53 -13.44 -6.26 5.54
C ALA B 53 -11.98 -5.89 5.81
N PRO B 54 -11.75 -4.75 6.49
CA PRO B 54 -10.41 -4.31 6.85
C PRO B 54 -9.66 -5.35 7.68
N ARG B 55 -8.43 -5.63 7.29
CA ARG B 55 -7.65 -6.67 7.92
C ARG B 55 -6.22 -6.22 8.13
N VAL B 56 -5.67 -6.53 9.30
CA VAL B 56 -4.31 -6.12 9.63
C VAL B 56 -3.29 -7.12 9.07
N TYR B 57 -2.22 -6.61 8.49
CA TYR B 57 -1.18 -7.43 7.90
C TYR B 57 0.18 -6.97 8.39
N ARG B 58 1.08 -7.92 8.58
CA ARG B 58 2.45 -7.59 8.90
C ARG B 58 3.20 -7.26 7.62
N VAL B 59 3.85 -6.11 7.61
CA VAL B 59 4.68 -5.73 6.49
C VAL B 59 6.06 -6.35 6.65
N ASN B 60 6.39 -7.22 5.72
CA ASN B 60 7.72 -7.78 5.63
C ASN B 60 8.59 -6.82 4.85
N GLY B 61 7.95 -6.09 3.94
CA GLY B 61 8.64 -5.07 3.19
C GLY B 61 7.89 -4.67 1.94
N LEU B 62 8.59 -4.64 0.83
CA LEU B 62 8.00 -4.20 -0.43
C LEU B 62 8.30 -5.18 -1.55
N SER B 63 7.47 -5.16 -2.57
CA SER B 63 7.68 -5.98 -3.74
C SER B 63 8.26 -5.12 -4.88
N ARG B 64 8.81 -5.79 -5.90
CA ARG B 64 9.71 -5.17 -6.86
C ARG B 64 9.09 -4.03 -7.67
N ALA B 65 7.81 -4.13 -8.03
CA ALA B 65 7.22 -3.12 -8.90
C ALA B 65 5.96 -2.51 -8.30
N PRO B 66 5.69 -1.25 -8.68
CA PRO B 66 4.46 -0.52 -8.31
C PRO B 66 3.20 -1.20 -8.83
N ALA B 67 2.06 -0.77 -8.30
CA ALA B 67 0.77 -1.38 -8.57
C ALA B 67 0.34 -1.17 -10.02
N SER B 68 0.93 -0.18 -10.67
CA SER B 68 0.61 0.12 -12.06
C SER B 68 1.42 -0.75 -13.01
N SER B 69 2.44 -1.42 -12.47
CA SER B 69 3.31 -2.26 -13.27
C SER B 69 2.88 -3.73 -13.19
N GLU B 70 2.66 -4.20 -11.98
CA GLU B 70 2.35 -5.61 -11.75
C GLU B 70 0.97 -5.98 -12.24
N THR B 71 0.90 -7.06 -13.00
CA THR B 71 -0.35 -7.58 -13.51
C THR B 71 -0.65 -8.94 -12.91
N PHE B 72 -1.93 -9.30 -12.87
CA PHE B 72 -2.33 -10.64 -12.44
C PHE B 72 -3.43 -11.16 -13.34
N GLU B 73 -3.59 -12.47 -13.35
CA GLU B 73 -4.53 -13.11 -14.24
C GLU B 73 -5.93 -13.12 -13.63
N HIS B 74 -6.86 -12.48 -14.32
CA HIS B 74 -8.21 -12.34 -13.86
C HIS B 74 -9.19 -12.70 -14.98
N ASP B 75 -9.74 -13.90 -14.90
CA ASP B 75 -10.76 -14.37 -15.85
C ASP B 75 -10.30 -14.23 -17.31
N GLY B 76 -9.06 -14.59 -17.57
CA GLY B 76 -8.53 -14.54 -18.92
C GLY B 76 -7.87 -13.22 -19.24
N LYS B 77 -8.05 -12.25 -18.37
CA LYS B 77 -7.43 -10.93 -18.54
C LYS B 77 -6.20 -10.85 -17.65
N LYS B 78 -5.26 -9.98 -18.00
CA LYS B 78 -4.17 -9.66 -17.10
C LYS B 78 -4.21 -8.18 -16.76
N VAL B 79 -4.82 -7.87 -15.64
CA VAL B 79 -5.00 -6.49 -15.21
C VAL B 79 -3.94 -6.13 -14.20
N THR B 80 -3.57 -4.85 -14.17
CA THR B 80 -2.61 -4.37 -13.18
C THR B 80 -3.31 -4.19 -11.85
N ILE B 81 -2.55 -4.14 -10.76
CA ILE B 81 -3.13 -3.87 -9.45
C ILE B 81 -3.91 -2.56 -9.50
N ALA B 82 -3.31 -1.56 -10.15
CA ALA B 82 -3.91 -0.26 -10.31
C ALA B 82 -5.21 -0.32 -11.11
N SER B 83 -5.17 -1.00 -12.25
CA SER B 83 -6.34 -1.11 -13.11
C SER B 83 -7.46 -1.88 -12.43
N TYR B 84 -7.13 -2.83 -11.57
CA TYR B 84 -8.15 -3.58 -10.86
C TYR B 84 -8.87 -2.68 -9.86
N PHE B 85 -8.09 -1.90 -9.11
CA PHE B 85 -8.66 -0.94 -8.17
C PHE B 85 -9.45 0.13 -8.90
N HIS B 86 -8.90 0.59 -10.02
CA HIS B 86 -9.58 1.58 -10.87
C HIS B 86 -10.90 1.01 -11.38
N SER B 87 -10.89 -0.25 -11.77
CA SER B 87 -12.09 -0.93 -12.24
C SER B 87 -13.10 -1.08 -11.12
N ARG B 88 -12.60 -1.11 -9.88
CA ARG B 88 -13.45 -1.20 -8.70
C ARG B 88 -13.86 0.20 -8.25
N ASN B 89 -13.77 1.16 -9.17
CA ASN B 89 -14.21 2.52 -8.96
C ASN B 89 -13.36 3.23 -7.90
N TYR B 90 -12.08 2.88 -7.83
CA TYR B 90 -11.15 3.57 -6.96
C TYR B 90 -9.87 3.88 -7.71
N PRO B 91 -9.79 5.07 -8.33
CA PRO B 91 -8.60 5.49 -9.06
C PRO B 91 -7.43 5.77 -8.13
N LEU B 92 -6.39 4.95 -8.23
CA LEU B 92 -5.20 5.13 -7.41
C LEU B 92 -4.49 6.43 -7.78
N LYS B 93 -4.42 7.33 -6.82
CA LYS B 93 -3.80 8.64 -7.02
C LYS B 93 -2.30 8.51 -7.24
N PHE B 94 -1.72 7.49 -6.62
CA PHE B 94 -0.29 7.24 -6.74
C PHE B 94 0.01 5.75 -6.72
N PRO B 95 -0.35 5.01 -7.78
CA PRO B 95 -0.12 3.58 -7.88
C PRO B 95 1.37 3.24 -8.08
N GLN B 96 2.16 4.28 -8.30
CA GLN B 96 3.57 4.11 -8.62
C GLN B 96 4.43 4.07 -7.36
N LEU B 97 3.79 4.05 -6.20
CA LEU B 97 4.52 4.04 -4.93
C LEU B 97 4.83 2.61 -4.50
N HIS B 98 5.12 1.76 -5.49
CA HIS B 98 5.43 0.35 -5.27
C HIS B 98 4.27 -0.40 -4.61
N CYS B 99 4.44 -1.71 -4.49
CA CYS B 99 3.45 -2.55 -3.86
C CYS B 99 3.95 -3.02 -2.52
N LEU B 100 3.11 -2.89 -1.51
CA LEU B 100 3.45 -3.29 -0.16
C LEU B 100 3.43 -4.81 -0.08
N ASN B 101 4.52 -5.39 0.41
CA ASN B 101 4.62 -6.84 0.52
C ASN B 101 4.20 -7.29 1.91
N VAL B 102 2.95 -7.73 1.98
CA VAL B 102 2.37 -8.20 3.23
C VAL B 102 1.72 -9.56 3.03
N GLY B 103 1.03 -10.04 4.06
CA GLY B 103 0.37 -11.32 3.97
C GLY B 103 1.16 -12.40 4.65
N SER B 104 1.80 -13.24 3.85
CA SER B 104 2.67 -14.29 4.36
C SER B 104 3.73 -14.63 3.32
N SER B 105 4.61 -15.58 3.63
CA SER B 105 5.62 -16.01 2.68
C SER B 105 4.98 -16.74 1.50
N ILE B 106 4.21 -17.78 1.82
CA ILE B 106 3.54 -18.58 0.79
C ILE B 106 2.51 -17.75 0.03
N LYS B 107 1.89 -16.81 0.73
CA LYS B 107 0.89 -15.95 0.13
C LYS B 107 1.27 -14.49 0.31
N SER B 108 2.08 -13.99 -0.61
CA SER B 108 2.44 -12.58 -0.62
C SER B 108 1.40 -11.81 -1.39
N ILE B 109 0.91 -10.74 -0.79
CA ILE B 109 -0.07 -9.89 -1.43
C ILE B 109 0.51 -8.51 -1.64
N LEU B 110 0.26 -7.97 -2.81
CA LEU B 110 0.72 -6.64 -3.17
C LEU B 110 -0.41 -5.65 -2.98
N LEU B 111 -0.19 -4.67 -2.12
CA LEU B 111 -1.23 -3.72 -1.79
C LEU B 111 -0.71 -2.29 -1.88
N PRO B 112 -1.54 -1.35 -2.32
CA PRO B 112 -1.20 0.07 -2.25
C PRO B 112 -1.05 0.50 -0.79
N ILE B 113 0.16 0.91 -0.44
CA ILE B 113 0.48 1.29 0.94
C ILE B 113 -0.46 2.40 1.43
N GLU B 114 -1.07 3.13 0.49
CA GLU B 114 -2.07 4.15 0.82
C GLU B 114 -3.23 3.58 1.65
N LEU B 115 -3.65 2.36 1.35
CA LEU B 115 -4.80 1.76 2.03
C LEU B 115 -4.34 1.01 3.27
N CYS B 116 -3.06 1.01 3.50
CA CYS B 116 -2.50 0.41 4.69
C CYS B 116 -2.26 1.49 5.72
N SER B 117 -2.77 1.27 6.91
CA SER B 117 -2.70 2.28 7.94
C SER B 117 -1.96 1.72 9.15
N ILE B 118 -0.99 2.49 9.63
CA ILE B 118 -0.09 2.04 10.69
C ILE B 118 -0.80 1.99 12.03
N GLU B 119 -0.79 0.81 12.64
CA GLU B 119 -1.39 0.61 13.95
C GLU B 119 -0.71 1.53 14.96
N GLU B 120 -1.52 2.22 15.78
CA GLU B 120 -1.05 3.31 16.63
C GLU B 120 0.02 2.87 17.61
N GLY B 121 0.00 1.60 17.99
CA GLY B 121 0.99 1.08 18.91
C GLY B 121 2.32 0.78 18.24
N GLN B 122 2.31 0.68 16.92
CA GLN B 122 3.51 0.36 16.17
C GLN B 122 4.50 1.51 16.14
N ALA B 123 3.96 2.71 16.23
CA ALA B 123 4.77 3.92 16.17
C ALA B 123 4.42 4.87 17.30
N GLY B 1 -4.60 4.96 21.94
CA GLY B 1 -5.54 3.83 21.95
C GLY B 1 -6.11 3.53 20.58
N ALA B 2 -5.59 2.48 19.94
CA ALA B 2 -6.02 2.06 18.62
C ALA B 2 -5.87 3.18 17.58
N MET B 3 -4.80 3.97 17.71
CA MET B 3 -4.55 5.03 16.76
C MET B 3 -4.05 4.46 15.44
N ALA B 4 -4.95 4.40 14.47
CA ALA B 4 -4.61 3.94 13.14
C ALA B 4 -4.36 5.12 12.22
N MET B 5 -3.11 5.31 11.84
CA MET B 5 -2.72 6.45 11.01
C MET B 5 -2.50 6.00 9.57
N PRO B 6 -3.29 6.53 8.62
CA PRO B 6 -3.12 6.23 7.19
C PRO B 6 -1.67 6.41 6.76
N MET B 7 -1.15 5.40 6.07
CA MET B 7 0.27 5.32 5.72
C MET B 7 0.74 6.53 4.94
N ILE B 8 -0.13 7.07 4.10
CA ILE B 8 0.19 8.25 3.33
C ILE B 8 0.29 9.47 4.24
N GLU B 9 -0.61 9.54 5.22
CA GLU B 9 -0.66 10.65 6.15
C GLU B 9 0.51 10.55 7.15
N TYR B 10 0.91 9.33 7.46
CA TYR B 10 2.07 9.09 8.31
C TYR B 10 3.30 9.71 7.68
N LEU B 11 3.44 9.52 6.38
CA LEU B 11 4.54 10.10 5.61
C LEU B 11 4.44 11.62 5.59
N GLU B 12 3.23 12.14 5.42
CA GLU B 12 3.01 13.58 5.38
C GLU B 12 3.48 14.24 6.67
N ARG B 13 2.99 13.73 7.79
CA ARG B 13 3.23 14.35 9.08
C ARG B 13 4.67 14.16 9.56
N PHE B 14 5.17 12.93 9.50
CA PHE B 14 6.45 12.61 10.13
C PHE B 14 7.58 12.41 9.12
N SER B 15 7.42 11.42 8.25
CA SER B 15 8.52 10.96 7.41
C SER B 15 9.04 12.01 6.44
N LEU B 16 8.14 12.65 5.70
CA LEU B 16 8.57 13.54 4.62
C LEU B 16 8.51 15.00 5.03
N LYS B 17 7.79 15.28 6.12
CA LYS B 17 7.65 16.65 6.64
C LYS B 17 6.85 17.51 5.66
N ALA B 18 6.21 16.85 4.72
CA ALA B 18 5.45 17.53 3.68
C ALA B 18 4.27 16.67 3.27
N LYS B 19 3.19 17.32 2.85
CA LYS B 19 1.98 16.61 2.44
C LYS B 19 2.20 15.94 1.09
N ILE B 20 1.80 14.67 1.01
CA ILE B 20 2.01 13.89 -0.20
C ILE B 20 1.01 14.27 -1.29
N ASN B 21 1.55 14.59 -2.45
CA ASN B 21 0.74 14.89 -3.61
C ASN B 21 1.19 14.01 -4.78
N ASN B 22 0.62 14.24 -5.95
CA ASN B 22 0.94 13.43 -7.13
C ASN B 22 2.37 13.68 -7.60
N THR B 23 2.98 14.74 -7.12
CA THR B 23 4.32 15.13 -7.54
C THR B 23 5.40 14.60 -6.61
N THR B 24 5.04 13.64 -5.75
CA THR B 24 6.03 13.01 -4.88
C THR B 24 6.88 12.03 -5.69
N ASN B 25 8.19 12.04 -5.46
CA ASN B 25 9.10 11.15 -6.17
C ASN B 25 9.37 9.91 -5.34
N LEU B 26 8.40 9.55 -4.51
CA LEU B 26 8.51 8.40 -3.62
C LEU B 26 8.51 7.09 -4.39
N ASP B 27 8.28 7.19 -5.70
CA ASP B 27 8.35 6.04 -6.58
C ASP B 27 9.66 5.29 -6.36
N TYR B 28 10.74 6.01 -6.57
CA TYR B 28 12.07 5.43 -6.46
C TYR B 28 12.50 5.38 -5.00
N SER B 29 11.80 6.12 -4.14
CA SER B 29 12.17 6.23 -2.74
C SER B 29 11.64 5.06 -1.95
N ARG B 30 10.58 4.44 -2.47
CA ARG B 30 9.89 3.36 -1.77
C ARG B 30 10.84 2.24 -1.39
N ARG B 31 11.86 2.03 -2.20
CA ARG B 31 12.83 0.98 -1.98
C ARG B 31 13.68 1.25 -0.73
N PHE B 32 13.88 2.53 -0.40
CA PHE B 32 14.65 2.89 0.79
C PHE B 32 13.71 3.16 1.95
N LEU B 33 12.43 3.17 1.64
CA LEU B 33 11.40 3.27 2.66
C LEU B 33 11.11 1.88 3.22
N GLU B 34 11.40 0.87 2.39
CA GLU B 34 11.33 -0.54 2.77
C GLU B 34 11.98 -0.84 4.12
N PRO B 35 13.26 -0.44 4.34
CA PRO B 35 13.95 -0.75 5.59
C PRO B 35 13.20 -0.28 6.84
N PHE B 36 12.41 0.78 6.69
CA PHE B 36 11.61 1.30 7.79
C PHE B 36 10.30 0.52 7.90
N LEU B 37 9.81 0.08 6.75
CA LEU B 37 8.56 -0.66 6.67
C LEU B 37 8.77 -2.13 7.01
N ARG B 38 10.02 -2.51 7.19
CA ARG B 38 10.36 -3.88 7.52
C ARG B 38 9.86 -4.23 8.92
N GLY B 39 8.86 -5.08 8.99
CA GLY B 39 8.35 -5.53 10.27
C GLY B 39 7.37 -4.56 10.88
N ILE B 40 6.50 -3.99 10.07
CA ILE B 40 5.48 -3.07 10.58
C ILE B 40 4.11 -3.73 10.52
N ASN B 41 3.15 -3.14 11.19
CA ASN B 41 1.79 -3.63 11.14
C ASN B 41 0.91 -2.53 10.55
N VAL B 42 0.17 -2.86 9.51
CA VAL B 42 -0.69 -1.89 8.86
C VAL B 42 -2.08 -2.46 8.68
N VAL B 43 -3.07 -1.66 9.02
CA VAL B 43 -4.43 -2.07 8.85
C VAL B 43 -4.85 -1.83 7.40
N TYR B 44 -5.21 -2.89 6.73
CA TYR B 44 -5.66 -2.79 5.36
C TYR B 44 -7.14 -2.49 5.34
N THR B 45 -7.47 -1.23 5.12
CA THR B 45 -8.85 -0.80 5.05
C THR B 45 -9.30 -0.73 3.60
N PRO B 46 -10.11 -1.72 3.15
CA PRO B 46 -10.59 -1.77 1.78
C PRO B 46 -11.52 -0.60 1.47
N PRO B 47 -11.35 0.01 0.29
CA PRO B 47 -12.18 1.14 -0.15
C PRO B 47 -13.66 0.77 -0.13
N GLN B 48 -14.52 1.76 0.10
CA GLN B 48 -15.94 1.51 0.36
C GLN B 48 -16.57 0.59 -0.68
N SER B 49 -16.20 0.79 -1.95
CA SER B 49 -16.77 0.03 -3.05
C SER B 49 -16.41 -1.46 -3.00
N PHE B 50 -15.56 -1.84 -2.07
CA PHE B 50 -15.18 -3.24 -1.90
C PHE B 50 -16.12 -3.95 -0.93
N GLN B 51 -16.63 -3.18 0.04
CA GLN B 51 -17.48 -3.71 1.11
C GLN B 51 -16.78 -4.84 1.86
N SER B 52 -15.46 -4.80 1.89
CA SER B 52 -14.67 -5.85 2.51
C SER B 52 -14.28 -5.43 3.94
N ALA B 53 -13.86 -6.41 4.74
CA ALA B 53 -13.54 -6.17 6.14
C ALA B 53 -12.06 -5.88 6.31
N PRO B 54 -11.73 -4.76 6.97
CA PRO B 54 -10.34 -4.35 7.22
C PRO B 54 -9.58 -5.32 8.12
N ARG B 55 -8.36 -5.65 7.72
CA ARG B 55 -7.51 -6.53 8.52
C ARG B 55 -6.09 -5.99 8.54
N VAL B 56 -5.43 -6.10 9.69
CA VAL B 56 -4.05 -5.67 9.82
C VAL B 56 -3.11 -6.77 9.32
N TYR B 57 -2.12 -6.37 8.54
CA TYR B 57 -1.15 -7.31 7.99
C TYR B 57 0.25 -6.95 8.45
N ARG B 58 1.05 -7.96 8.72
CA ARG B 58 2.42 -7.77 9.14
C ARG B 58 3.31 -7.59 7.92
N VAL B 59 3.73 -6.36 7.68
CA VAL B 59 4.53 -6.03 6.51
C VAL B 59 5.94 -6.56 6.65
N ASN B 60 6.31 -7.45 5.74
CA ASN B 60 7.68 -7.91 5.62
C ASN B 60 8.45 -6.86 4.85
N GLY B 61 7.79 -6.25 3.87
CA GLY B 61 8.41 -5.17 3.14
C GLY B 61 7.64 -4.78 1.90
N LEU B 62 8.36 -4.48 0.84
CA LEU B 62 7.74 -4.05 -0.40
C LEU B 62 8.20 -4.92 -1.56
N SER B 63 7.33 -5.06 -2.54
CA SER B 63 7.63 -5.79 -3.76
C SER B 63 8.34 -4.85 -4.75
N ARG B 64 9.28 -5.39 -5.50
CA ARG B 64 10.20 -4.59 -6.31
C ARG B 64 9.51 -3.86 -7.47
N ALA B 65 8.24 -4.10 -7.69
CA ALA B 65 7.54 -3.46 -8.78
C ALA B 65 6.30 -2.70 -8.31
N PRO B 66 6.18 -1.42 -8.72
CA PRO B 66 5.01 -0.58 -8.45
C PRO B 66 3.73 -1.14 -9.08
N ALA B 67 2.60 -0.70 -8.54
CA ALA B 67 1.29 -1.26 -8.90
C ALA B 67 0.93 -1.00 -10.36
N SER B 68 1.56 0.01 -10.95
CA SER B 68 1.30 0.34 -12.34
C SER B 68 2.09 -0.57 -13.28
N SER B 69 3.13 -1.23 -12.76
CA SER B 69 3.98 -2.08 -13.60
C SER B 69 3.66 -3.56 -13.40
N GLU B 70 3.06 -3.90 -12.27
CA GLU B 70 2.70 -5.28 -11.99
C GLU B 70 1.37 -5.64 -12.65
N THR B 71 1.42 -6.53 -13.63
CA THR B 71 0.23 -7.00 -14.31
C THR B 71 -0.09 -8.42 -13.90
N PHE B 72 -1.37 -8.73 -13.76
CA PHE B 72 -1.80 -10.08 -13.46
C PHE B 72 -3.02 -10.45 -14.28
N GLU B 73 -3.15 -11.73 -14.54
CA GLU B 73 -4.24 -12.23 -15.36
C GLU B 73 -5.42 -12.61 -14.48
N HIS B 74 -6.49 -11.84 -14.60
CA HIS B 74 -7.70 -12.10 -13.86
C HIS B 74 -8.87 -12.18 -14.83
N ASP B 75 -9.57 -13.31 -14.84
CA ASP B 75 -10.66 -13.55 -15.77
C ASP B 75 -10.14 -13.61 -17.22
N GLY B 76 -8.88 -13.99 -17.35
CA GLY B 76 -8.25 -14.04 -18.66
C GLY B 76 -7.80 -12.67 -19.13
N LYS B 77 -8.03 -11.67 -18.29
CA LYS B 77 -7.72 -10.29 -18.61
C LYS B 77 -6.50 -9.81 -17.82
N LYS B 78 -5.57 -9.17 -18.51
CA LYS B 78 -4.37 -8.67 -17.88
C LYS B 78 -4.55 -7.22 -17.45
N VAL B 79 -4.72 -7.02 -16.17
CA VAL B 79 -4.81 -5.69 -15.60
C VAL B 79 -3.68 -5.48 -14.61
N THR B 80 -3.31 -4.23 -14.39
CA THR B 80 -2.31 -3.93 -13.40
C THR B 80 -2.96 -3.91 -12.02
N ILE B 81 -2.14 -3.90 -10.97
CA ILE B 81 -2.68 -3.80 -9.62
C ILE B 81 -3.54 -2.54 -9.51
N ALA B 82 -3.04 -1.46 -10.12
CA ALA B 82 -3.74 -0.20 -10.17
C ALA B 82 -5.05 -0.32 -10.95
N SER B 83 -4.99 -0.98 -12.10
CA SER B 83 -6.16 -1.17 -12.95
C SER B 83 -7.28 -1.90 -12.19
N TYR B 84 -6.90 -2.88 -11.39
CA TYR B 84 -7.86 -3.68 -10.64
C TYR B 84 -8.64 -2.83 -9.65
N PHE B 85 -7.91 -2.02 -8.89
CA PHE B 85 -8.54 -1.12 -7.92
C PHE B 85 -9.33 -0.03 -8.63
N HIS B 86 -8.80 0.48 -9.73
CA HIS B 86 -9.46 1.52 -10.51
C HIS B 86 -10.80 1.00 -11.06
N SER B 87 -10.81 -0.27 -11.41
CA SER B 87 -12.01 -0.92 -11.91
C SER B 87 -13.04 -1.06 -10.79
N ARG B 88 -12.56 -1.09 -9.55
CA ARG B 88 -13.42 -1.23 -8.39
C ARG B 88 -13.80 0.13 -7.82
N ASN B 89 -13.82 1.15 -8.69
CA ASN B 89 -14.31 2.48 -8.35
C ASN B 89 -13.36 3.24 -7.42
N TYR B 90 -12.11 2.81 -7.34
CA TYR B 90 -11.13 3.52 -6.53
C TYR B 90 -9.89 3.84 -7.35
N PRO B 91 -9.79 5.08 -7.84
CA PRO B 91 -8.62 5.53 -8.58
C PRO B 91 -7.43 5.82 -7.67
N LEU B 92 -6.38 5.01 -7.79
CA LEU B 92 -5.18 5.19 -6.99
C LEU B 92 -4.48 6.50 -7.33
N LYS B 93 -4.20 7.29 -6.31
CA LYS B 93 -3.58 8.60 -6.51
C LYS B 93 -2.09 8.46 -6.83
N PHE B 94 -1.47 7.41 -6.32
CA PHE B 94 -0.06 7.15 -6.55
C PHE B 94 0.21 5.65 -6.75
N PRO B 95 -0.29 5.08 -7.85
CA PRO B 95 -0.08 3.66 -8.16
C PRO B 95 1.36 3.35 -8.58
N GLN B 96 2.16 4.41 -8.76
CA GLN B 96 3.56 4.26 -9.16
C GLN B 96 4.43 3.92 -7.95
N LEU B 97 3.79 3.79 -6.80
CA LEU B 97 4.49 3.37 -5.59
C LEU B 97 4.61 1.86 -5.55
N HIS B 98 5.74 1.36 -5.06
CA HIS B 98 5.97 -0.07 -4.92
C HIS B 98 4.89 -0.72 -4.08
N CYS B 99 4.42 -1.87 -4.55
CA CYS B 99 3.34 -2.60 -3.91
C CYS B 99 3.79 -3.17 -2.57
N LEU B 100 2.88 -3.17 -1.61
CA LEU B 100 3.16 -3.71 -0.28
C LEU B 100 3.33 -5.22 -0.36
N ASN B 101 4.41 -5.73 0.21
CA ASN B 101 4.66 -7.16 0.21
C ASN B 101 4.28 -7.74 1.57
N VAL B 102 3.07 -8.30 1.61
CA VAL B 102 2.55 -8.93 2.80
C VAL B 102 1.95 -10.29 2.48
N GLY B 103 1.32 -10.91 3.47
CA GLY B 103 0.73 -12.20 3.28
C GLY B 103 1.69 -13.30 3.67
N SER B 104 2.47 -13.75 2.70
CA SER B 104 3.47 -14.77 2.94
C SER B 104 4.60 -14.61 1.92
N SER B 105 5.74 -15.21 2.20
CA SER B 105 6.86 -15.20 1.27
C SER B 105 6.56 -16.11 0.08
N ILE B 106 5.74 -17.13 0.32
CA ILE B 106 5.31 -18.02 -0.76
C ILE B 106 4.05 -17.50 -1.42
N LYS B 107 3.12 -17.02 -0.60
CA LYS B 107 1.89 -16.42 -1.09
C LYS B 107 1.94 -14.91 -0.87
N SER B 108 2.54 -14.20 -1.82
CA SER B 108 2.68 -12.76 -1.70
C SER B 108 1.45 -12.06 -2.20
N ILE B 109 0.96 -11.12 -1.42
CA ILE B 109 -0.13 -10.27 -1.86
C ILE B 109 0.36 -8.83 -1.92
N LEU B 110 0.13 -8.22 -3.06
CA LEU B 110 0.61 -6.87 -3.30
C LEU B 110 -0.53 -5.89 -3.08
N LEU B 111 -0.34 -4.96 -2.17
CA LEU B 111 -1.40 -4.04 -1.81
C LEU B 111 -0.92 -2.60 -1.91
N PRO B 112 -1.79 -1.70 -2.39
CA PRO B 112 -1.50 -0.27 -2.38
C PRO B 112 -1.34 0.25 -0.96
N ILE B 113 -0.13 0.67 -0.62
CA ILE B 113 0.19 1.17 0.71
C ILE B 113 -0.70 2.36 1.09
N GLU B 114 -1.25 3.00 0.07
CA GLU B 114 -2.25 4.06 0.25
C GLU B 114 -3.41 3.59 1.14
N LEU B 115 -3.78 2.32 1.01
CA LEU B 115 -4.91 1.76 1.76
C LEU B 115 -4.44 1.06 3.03
N CYS B 116 -3.19 1.27 3.37
CA CYS B 116 -2.62 0.73 4.58
C CYS B 116 -2.51 1.81 5.63
N SER B 117 -2.67 1.45 6.88
CA SER B 117 -2.61 2.43 7.96
C SER B 117 -1.88 1.87 9.17
N ILE B 118 -0.85 2.57 9.58
CA ILE B 118 0.02 2.15 10.68
C ILE B 118 -0.70 2.28 12.02
N GLU B 119 -0.66 1.22 12.82
CA GLU B 119 -1.25 1.25 14.14
C GLU B 119 -0.17 1.51 15.19
N GLU B 120 -0.55 2.24 16.23
CA GLU B 120 0.35 2.71 17.29
C GLU B 120 1.04 1.58 18.04
N GLY B 121 0.57 0.35 17.86
CA GLY B 121 1.05 -0.79 18.65
C GLY B 121 2.56 -0.84 18.80
N GLN B 122 3.27 -0.85 17.69
CA GLN B 122 4.73 -1.01 17.72
C GLN B 122 5.43 0.32 17.82
N ALA B 123 4.69 1.38 17.53
CA ALA B 123 5.22 2.72 17.54
C ALA B 123 5.03 3.39 18.90
N GLY B 1 -8.89 3.65 22.47
CA GLY B 1 -9.00 4.30 21.14
C GLY B 1 -7.86 3.90 20.23
N ALA B 2 -8.00 2.76 19.57
CA ALA B 2 -6.96 2.24 18.69
C ALA B 2 -6.73 3.16 17.50
N MET B 3 -5.62 3.88 17.53
CA MET B 3 -5.31 4.84 16.49
C MET B 3 -4.63 4.18 15.31
N ALA B 4 -5.38 4.03 14.22
CA ALA B 4 -4.81 3.61 12.95
C ALA B 4 -4.43 4.85 12.14
N MET B 5 -3.15 5.03 11.90
CA MET B 5 -2.66 6.23 11.24
C MET B 5 -2.42 5.98 9.76
N PRO B 6 -3.17 6.68 8.88
CA PRO B 6 -3.01 6.55 7.43
C PRO B 6 -1.55 6.59 7.00
N MET B 7 -1.15 5.58 6.24
CA MET B 7 0.25 5.38 5.88
C MET B 7 0.80 6.54 5.05
N ILE B 8 -0.05 7.13 4.23
CA ILE B 8 0.34 8.27 3.41
C ILE B 8 0.53 9.51 4.29
N GLU B 9 -0.29 9.60 5.34
CA GLU B 9 -0.17 10.69 6.30
C GLU B 9 1.08 10.50 7.16
N TYR B 10 1.32 9.26 7.56
CA TYR B 10 2.53 8.89 8.29
C TYR B 10 3.75 9.22 7.44
N LEU B 11 3.61 8.98 6.14
CA LEU B 11 4.65 9.27 5.17
C LEU B 11 5.01 10.75 5.20
N GLU B 12 3.98 11.60 5.15
CA GLU B 12 4.17 13.04 5.15
C GLU B 12 4.78 13.51 6.47
N ARG B 13 4.18 13.09 7.57
CA ARG B 13 4.54 13.61 8.89
C ARG B 13 5.89 13.08 9.39
N PHE B 14 6.11 11.78 9.31
CA PHE B 14 7.28 11.20 9.96
C PHE B 14 8.30 10.62 8.98
N SER B 15 7.81 9.99 7.91
CA SER B 15 8.69 9.24 7.03
C SER B 15 9.53 10.15 6.15
N LEU B 16 8.90 11.08 5.45
CA LEU B 16 9.61 11.93 4.50
C LEU B 16 9.73 13.37 4.99
N LYS B 17 8.80 13.77 5.86
CA LYS B 17 8.77 15.13 6.40
C LYS B 17 8.37 16.13 5.33
N ALA B 18 7.89 15.62 4.20
CA ALA B 18 7.48 16.46 3.08
C ALA B 18 5.98 16.33 2.88
N LYS B 19 5.46 17.01 1.87
CA LYS B 19 4.03 16.96 1.59
C LYS B 19 3.77 15.99 0.44
N ILE B 20 2.87 15.04 0.66
CA ILE B 20 2.60 13.99 -0.29
C ILE B 20 1.39 14.29 -1.16
N ASN B 21 1.61 14.22 -2.46
CA ASN B 21 0.57 14.29 -3.46
C ASN B 21 1.05 13.53 -4.69
N ASN B 22 0.40 13.72 -5.83
CA ASN B 22 0.76 12.98 -7.04
C ASN B 22 2.17 13.31 -7.52
N THR B 23 2.64 14.51 -7.20
CA THR B 23 3.93 14.96 -7.69
C THR B 23 5.05 14.79 -6.66
N THR B 24 4.73 14.24 -5.50
CA THR B 24 5.75 13.93 -4.50
C THR B 24 6.47 12.65 -4.88
N ASN B 25 7.76 12.75 -5.09
CA ASN B 25 8.57 11.64 -5.60
C ASN B 25 8.93 10.64 -4.51
N LEU B 26 7.92 10.08 -3.87
CA LEU B 26 8.16 9.06 -2.85
C LEU B 26 8.14 7.68 -3.50
N ASP B 27 7.68 7.62 -4.74
CA ASP B 27 7.56 6.38 -5.48
C ASP B 27 8.91 5.69 -5.55
N TYR B 28 9.88 6.38 -6.12
CA TYR B 28 11.22 5.84 -6.28
C TYR B 28 11.90 5.70 -4.93
N SER B 29 11.40 6.43 -3.94
CA SER B 29 12.00 6.44 -2.61
C SER B 29 11.47 5.28 -1.78
N ARG B 30 10.35 4.71 -2.22
CA ARG B 30 9.70 3.64 -1.49
C ARG B 30 10.65 2.46 -1.32
N ARG B 31 11.53 2.28 -2.30
CA ARG B 31 12.52 1.22 -2.30
C ARG B 31 13.50 1.36 -1.12
N PHE B 32 13.74 2.60 -0.68
CA PHE B 32 14.62 2.83 0.47
C PHE B 32 13.78 3.13 1.70
N LEU B 33 12.47 3.13 1.51
CA LEU B 33 11.54 3.27 2.61
C LEU B 33 11.20 1.88 3.15
N GLU B 34 11.50 0.87 2.33
CA GLU B 34 11.41 -0.54 2.74
C GLU B 34 12.10 -0.81 4.08
N PRO B 35 13.38 -0.40 4.24
CA PRO B 35 14.12 -0.67 5.48
C PRO B 35 13.38 -0.20 6.73
N PHE B 36 12.57 0.85 6.58
CA PHE B 36 11.82 1.40 7.70
C PHE B 36 10.52 0.63 7.91
N LEU B 37 9.99 0.10 6.81
CA LEU B 37 8.70 -0.60 6.82
C LEU B 37 8.89 -2.08 7.13
N ARG B 38 10.14 -2.50 7.24
CA ARG B 38 10.48 -3.90 7.44
C ARG B 38 10.01 -4.37 8.82
N GLY B 39 8.86 -5.03 8.84
CA GLY B 39 8.32 -5.55 10.09
C GLY B 39 7.41 -4.55 10.76
N ILE B 40 6.45 -4.01 10.02
CA ILE B 40 5.46 -3.10 10.58
C ILE B 40 4.08 -3.71 10.50
N ASN B 41 3.18 -3.29 11.38
CA ASN B 41 1.81 -3.78 11.34
C ASN B 41 0.90 -2.71 10.77
N VAL B 42 0.17 -3.05 9.71
CA VAL B 42 -0.69 -2.09 9.07
C VAL B 42 -2.09 -2.65 8.88
N VAL B 43 -3.08 -1.84 9.20
CA VAL B 43 -4.46 -2.20 8.95
C VAL B 43 -4.83 -1.78 7.54
N TYR B 44 -5.10 -2.76 6.70
CA TYR B 44 -5.50 -2.49 5.34
C TYR B 44 -6.99 -2.18 5.30
N THR B 45 -7.30 -0.96 4.93
CA THR B 45 -8.69 -0.53 4.82
C THR B 45 -9.13 -0.51 3.37
N PRO B 46 -9.93 -1.50 2.95
CA PRO B 46 -10.47 -1.58 1.60
C PRO B 46 -11.47 -0.47 1.33
N PRO B 47 -11.42 0.13 0.14
CA PRO B 47 -12.39 1.15 -0.27
C PRO B 47 -13.81 0.62 -0.18
N GLN B 48 -14.72 1.49 0.23
CA GLN B 48 -16.10 1.12 0.51
C GLN B 48 -16.80 0.47 -0.69
N SER B 49 -16.28 0.72 -1.87
CA SER B 49 -16.86 0.19 -3.11
C SER B 49 -16.51 -1.29 -3.30
N PHE B 50 -15.65 -1.81 -2.43
CA PHE B 50 -15.18 -3.20 -2.54
C PHE B 50 -16.05 -4.15 -1.73
N GLN B 51 -16.75 -3.60 -0.74
CA GLN B 51 -17.52 -4.39 0.22
C GLN B 51 -16.63 -5.44 0.88
N SER B 52 -15.41 -5.03 1.22
CA SER B 52 -14.43 -5.93 1.81
C SER B 52 -14.19 -5.57 3.26
N ALA B 53 -13.69 -6.51 4.04
CA ALA B 53 -13.46 -6.31 5.46
C ALA B 53 -12.02 -5.87 5.73
N PRO B 54 -11.84 -4.78 6.49
CA PRO B 54 -10.51 -4.28 6.85
C PRO B 54 -9.75 -5.28 7.71
N ARG B 55 -8.50 -5.53 7.34
CA ARG B 55 -7.71 -6.56 7.99
C ARG B 55 -6.27 -6.08 8.18
N VAL B 56 -5.69 -6.40 9.32
CA VAL B 56 -4.33 -6.00 9.63
C VAL B 56 -3.33 -7.03 9.09
N TYR B 57 -2.23 -6.55 8.53
CA TYR B 57 -1.19 -7.40 7.98
C TYR B 57 0.16 -6.93 8.47
N ARG B 58 1.10 -7.85 8.61
CA ARG B 58 2.45 -7.47 8.97
C ARG B 58 3.30 -7.34 7.72
N VAL B 59 3.78 -6.15 7.49
CA VAL B 59 4.62 -5.86 6.34
C VAL B 59 5.98 -6.47 6.50
N ASN B 60 6.32 -7.39 5.60
CA ASN B 60 7.64 -7.95 5.54
C ASN B 60 8.53 -7.04 4.71
N GLY B 61 7.89 -6.35 3.76
CA GLY B 61 8.58 -5.35 2.97
C GLY B 61 7.75 -4.82 1.82
N LEU B 62 8.39 -4.54 0.71
CA LEU B 62 7.70 -3.99 -0.45
C LEU B 62 8.05 -4.78 -1.71
N SER B 63 7.22 -4.63 -2.72
CA SER B 63 7.40 -5.31 -3.98
C SER B 63 8.40 -4.56 -4.86
N ARG B 64 8.79 -5.18 -5.96
CA ARG B 64 9.86 -4.65 -6.79
C ARG B 64 9.32 -3.72 -7.86
N ALA B 65 8.01 -3.63 -7.96
CA ALA B 65 7.40 -2.79 -8.96
C ALA B 65 6.19 -2.04 -8.39
N PRO B 66 5.96 -0.82 -8.88
CA PRO B 66 4.76 -0.03 -8.55
C PRO B 66 3.47 -0.75 -8.91
N ALA B 67 2.37 -0.27 -8.34
CA ALA B 67 1.05 -0.89 -8.52
C ALA B 67 0.60 -0.86 -9.97
N SER B 68 1.07 0.12 -10.72
CA SER B 68 0.75 0.21 -12.14
C SER B 68 1.57 -0.80 -12.95
N SER B 69 2.64 -1.30 -12.35
CA SER B 69 3.51 -2.24 -13.04
C SER B 69 3.16 -3.68 -12.68
N GLU B 70 3.03 -3.95 -11.39
CA GLU B 70 2.73 -5.31 -10.91
C GLU B 70 1.46 -5.84 -11.53
N THR B 71 1.57 -6.95 -12.24
CA THR B 71 0.46 -7.53 -12.95
C THR B 71 0.16 -8.93 -12.44
N PHE B 72 -1.12 -9.28 -12.37
CA PHE B 72 -1.54 -10.61 -11.98
C PHE B 72 -2.72 -11.06 -12.84
N GLU B 73 -2.88 -12.37 -12.98
CA GLU B 73 -3.90 -12.91 -13.86
C GLU B 73 -5.13 -13.30 -13.05
N HIS B 74 -6.19 -12.50 -13.20
CA HIS B 74 -7.45 -12.74 -12.52
C HIS B 74 -8.56 -12.84 -13.57
N ASP B 75 -9.37 -13.89 -13.47
CA ASP B 75 -10.42 -14.18 -14.46
C ASP B 75 -9.80 -14.53 -15.81
N GLY B 76 -8.48 -14.67 -15.83
CA GLY B 76 -7.77 -14.90 -17.07
C GLY B 76 -7.31 -13.61 -17.72
N LYS B 77 -7.49 -12.51 -16.99
CA LYS B 77 -7.04 -11.21 -17.47
C LYS B 77 -5.84 -10.76 -16.64
N LYS B 78 -4.76 -10.37 -17.31
CA LYS B 78 -3.61 -9.84 -16.60
C LYS B 78 -3.80 -8.36 -16.31
N VAL B 79 -4.28 -8.08 -15.11
CA VAL B 79 -4.52 -6.72 -14.68
C VAL B 79 -3.48 -6.32 -13.64
N THR B 80 -3.21 -5.04 -13.55
CA THR B 80 -2.26 -4.54 -12.58
C THR B 80 -2.97 -4.25 -11.27
N ILE B 81 -2.22 -4.12 -10.19
CA ILE B 81 -2.82 -3.84 -8.89
C ILE B 81 -3.61 -2.53 -8.97
N ALA B 82 -3.04 -1.57 -9.68
CA ALA B 82 -3.67 -0.27 -9.86
C ALA B 82 -4.98 -0.37 -10.62
N SER B 83 -4.96 -1.08 -11.76
CA SER B 83 -6.16 -1.20 -12.59
C SER B 83 -7.20 -2.09 -11.92
N TYR B 84 -6.75 -3.02 -11.07
CA TYR B 84 -7.66 -3.85 -10.31
C TYR B 84 -8.52 -3.00 -9.39
N PHE B 85 -7.87 -2.11 -8.65
CA PHE B 85 -8.58 -1.19 -7.77
C PHE B 85 -9.40 -0.18 -8.57
N HIS B 86 -8.82 0.28 -9.68
CA HIS B 86 -9.49 1.27 -10.53
C HIS B 86 -10.77 0.70 -11.12
N SER B 87 -10.72 -0.55 -11.57
CA SER B 87 -11.89 -1.20 -12.17
C SER B 87 -12.97 -1.44 -11.11
N ARG B 88 -12.56 -1.54 -9.85
CA ARG B 88 -13.51 -1.67 -8.75
C ARG B 88 -13.90 -0.29 -8.23
N ASN B 89 -13.67 0.72 -9.07
CA ASN B 89 -14.11 2.10 -8.82
C ASN B 89 -13.29 2.76 -7.73
N TYR B 90 -11.97 2.60 -7.80
CA TYR B 90 -11.07 3.35 -6.93
C TYR B 90 -9.79 3.70 -7.66
N PRO B 91 -9.70 4.95 -8.14
CA PRO B 91 -8.50 5.43 -8.83
C PRO B 91 -7.38 5.78 -7.85
N LEU B 92 -6.24 5.14 -8.03
CA LEU B 92 -5.07 5.41 -7.20
C LEU B 92 -4.45 6.76 -7.56
N LYS B 93 -4.18 7.59 -6.55
CA LYS B 93 -3.56 8.89 -6.77
C LYS B 93 -2.06 8.75 -6.90
N PHE B 94 -1.52 7.72 -6.24
CA PHE B 94 -0.08 7.47 -6.24
C PHE B 94 0.16 6.02 -6.66
N PRO B 95 -0.29 5.63 -7.86
CA PRO B 95 -0.25 4.24 -8.30
C PRO B 95 1.16 3.74 -8.61
N GLN B 96 2.13 4.65 -8.58
CA GLN B 96 3.53 4.26 -8.79
C GLN B 96 4.14 3.84 -7.46
N LEU B 97 3.30 3.76 -6.44
CA LEU B 97 3.68 3.18 -5.16
C LEU B 97 4.09 1.73 -5.35
N HIS B 98 5.31 1.40 -4.93
CA HIS B 98 5.74 0.01 -4.86
C HIS B 98 4.80 -0.75 -3.94
N CYS B 99 4.13 -1.74 -4.52
CA CYS B 99 3.08 -2.48 -3.84
C CYS B 99 3.55 -3.05 -2.51
N LEU B 100 2.67 -3.01 -1.53
CA LEU B 100 2.98 -3.52 -0.21
C LEU B 100 3.16 -5.03 -0.27
N ASN B 101 4.32 -5.50 0.17
CA ASN B 101 4.60 -6.93 0.15
C ASN B 101 4.30 -7.53 1.51
N VAL B 102 3.09 -8.04 1.64
CA VAL B 102 2.66 -8.72 2.85
C VAL B 102 2.27 -10.14 2.54
N GLY B 103 1.84 -10.88 3.55
CA GLY B 103 1.50 -12.27 3.35
C GLY B 103 2.68 -13.17 3.69
N SER B 104 3.21 -13.82 2.66
CA SER B 104 4.42 -14.62 2.81
C SER B 104 5.17 -14.69 1.48
N SER B 105 6.28 -15.40 1.44
CA SER B 105 7.05 -15.52 0.21
C SER B 105 6.31 -16.41 -0.80
N ILE B 106 5.72 -17.50 -0.31
CA ILE B 106 5.00 -18.43 -1.17
C ILE B 106 3.66 -17.85 -1.62
N LYS B 107 3.06 -17.03 -0.79
CA LYS B 107 1.83 -16.34 -1.15
C LYS B 107 1.97 -14.86 -0.78
N SER B 108 2.53 -14.10 -1.70
CA SER B 108 2.71 -12.68 -1.50
C SER B 108 1.49 -11.93 -1.98
N ILE B 109 1.01 -11.01 -1.17
CA ILE B 109 -0.12 -10.19 -1.55
C ILE B 109 0.31 -8.73 -1.64
N LEU B 110 -0.02 -8.13 -2.76
CA LEU B 110 0.41 -6.77 -3.05
C LEU B 110 -0.74 -5.80 -2.87
N LEU B 111 -0.55 -4.82 -2.00
CA LEU B 111 -1.63 -3.90 -1.66
C LEU B 111 -1.18 -2.45 -1.76
N PRO B 112 -2.09 -1.56 -2.19
CA PRO B 112 -1.88 -0.11 -2.10
C PRO B 112 -1.63 0.32 -0.67
N ILE B 113 -0.37 0.66 -0.38
CA ILE B 113 -0.02 1.16 0.94
C ILE B 113 -0.76 2.47 1.21
N GLU B 114 -1.19 3.11 0.13
CA GLU B 114 -2.11 4.23 0.17
C GLU B 114 -3.36 3.91 1.00
N LEU B 115 -3.78 2.65 0.95
CA LEU B 115 -4.97 2.19 1.68
C LEU B 115 -4.59 1.42 2.93
N CYS B 116 -3.30 1.41 3.23
CA CYS B 116 -2.82 0.78 4.44
C CYS B 116 -2.62 1.84 5.50
N SER B 117 -2.65 1.45 6.74
CA SER B 117 -2.57 2.40 7.82
C SER B 117 -1.87 1.80 9.05
N ILE B 118 -0.97 2.57 9.62
CA ILE B 118 -0.09 2.09 10.67
C ILE B 118 -0.80 1.99 12.01
N GLU B 119 -0.66 0.86 12.66
CA GLU B 119 -1.25 0.63 13.97
C GLU B 119 -0.40 1.31 15.04
N GLU B 120 -1.09 1.90 16.02
CA GLU B 120 -0.45 2.66 17.11
C GLU B 120 0.53 1.82 17.91
N GLY B 121 0.49 0.50 17.72
CA GLY B 121 1.36 -0.39 18.46
C GLY B 121 2.82 -0.02 18.32
N GLN B 122 3.28 0.11 17.07
CA GLN B 122 4.66 0.44 16.80
C GLN B 122 4.86 1.96 16.70
N ALA B 123 3.76 2.69 16.56
CA ALA B 123 3.83 4.13 16.37
C ALA B 123 3.08 4.86 17.48
N GLY B 1 -10.59 7.17 19.14
CA GLY B 1 -9.84 5.98 19.59
C GLY B 1 -9.26 5.20 18.43
N ALA B 2 -8.35 4.28 18.72
CA ALA B 2 -7.66 3.48 17.71
C ALA B 2 -6.85 4.40 16.78
N MET B 3 -5.62 4.67 17.17
CA MET B 3 -4.77 5.60 16.43
C MET B 3 -4.16 4.91 15.22
N ALA B 4 -5.02 4.44 14.33
CA ALA B 4 -4.57 3.86 13.09
C ALA B 4 -4.26 4.96 12.08
N MET B 5 -2.98 5.13 11.78
CA MET B 5 -2.53 6.20 10.90
C MET B 5 -2.08 5.66 9.55
N PRO B 6 -2.82 5.98 8.47
CA PRO B 6 -2.46 5.56 7.12
C PRO B 6 -1.01 5.88 6.80
N MET B 7 -0.36 4.95 6.09
CA MET B 7 1.06 5.04 5.82
C MET B 7 1.39 6.28 5.02
N ILE B 8 0.47 6.73 4.18
CA ILE B 8 0.64 7.99 3.48
C ILE B 8 0.69 9.13 4.49
N GLU B 9 -0.30 9.16 5.37
CA GLU B 9 -0.37 10.14 6.47
C GLU B 9 0.91 10.09 7.31
N TYR B 10 1.38 8.88 7.57
CA TYR B 10 2.58 8.66 8.36
C TYR B 10 3.80 9.29 7.67
N LEU B 11 3.94 9.01 6.36
CA LEU B 11 5.05 9.55 5.58
C LEU B 11 4.97 11.06 5.50
N GLU B 12 3.77 11.57 5.30
CA GLU B 12 3.55 13.00 5.20
C GLU B 12 3.96 13.71 6.48
N ARG B 13 3.42 13.26 7.60
CA ARG B 13 3.62 13.94 8.87
C ARG B 13 5.02 13.70 9.44
N PHE B 14 5.42 12.44 9.50
CA PHE B 14 6.63 12.08 10.25
C PHE B 14 7.86 12.00 9.35
N SER B 15 7.74 11.29 8.24
CA SER B 15 8.91 11.01 7.40
C SER B 15 9.36 12.23 6.59
N LEU B 16 8.44 12.87 5.90
CA LEU B 16 8.80 13.94 4.96
C LEU B 16 8.54 15.32 5.52
N LYS B 17 7.66 15.40 6.52
CA LYS B 17 7.21 16.66 7.10
C LYS B 17 6.36 17.43 6.10
N ALA B 18 6.02 16.77 5.01
CA ALA B 18 5.27 17.37 3.93
C ALA B 18 4.34 16.33 3.32
N LYS B 19 3.21 16.79 2.80
CA LYS B 19 2.19 15.92 2.24
C LYS B 19 2.69 15.20 0.98
N ILE B 20 2.19 13.99 0.78
CA ILE B 20 2.56 13.19 -0.38
C ILE B 20 1.58 13.41 -1.52
N ASN B 21 2.11 13.82 -2.65
CA ASN B 21 1.30 14.04 -3.85
C ASN B 21 2.02 13.48 -5.06
N ASN B 22 1.56 13.85 -6.25
CA ASN B 22 2.23 13.46 -7.49
C ASN B 22 3.58 14.17 -7.62
N THR B 23 3.82 15.11 -6.70
CA THR B 23 5.05 15.89 -6.71
C THR B 23 6.16 15.18 -5.93
N THR B 24 5.79 14.31 -5.00
CA THR B 24 6.78 13.64 -4.16
C THR B 24 7.31 12.37 -4.82
N ASN B 25 8.62 12.34 -5.06
CA ASN B 25 9.25 11.16 -5.67
C ASN B 25 9.60 10.13 -4.61
N LEU B 26 8.65 9.84 -3.75
CA LEU B 26 8.85 8.86 -2.70
C LEU B 26 8.49 7.48 -3.19
N ASP B 27 8.12 7.40 -4.45
CA ASP B 27 7.90 6.13 -5.13
C ASP B 27 9.22 5.39 -5.28
N TYR B 28 10.16 5.99 -6.01
CA TYR B 28 11.49 5.41 -6.17
C TYR B 28 12.22 5.36 -4.84
N SER B 29 11.76 6.13 -3.88
CA SER B 29 12.38 6.16 -2.56
C SER B 29 11.87 5.01 -1.71
N ARG B 30 10.76 4.42 -2.16
CA ARG B 30 10.09 3.36 -1.41
C ARG B 30 11.02 2.18 -1.16
N ARG B 31 11.94 1.94 -2.09
CA ARG B 31 12.88 0.83 -1.96
C ARG B 31 13.85 1.08 -0.81
N PHE B 32 14.06 2.35 -0.46
CA PHE B 32 14.91 2.70 0.69
C PHE B 32 14.02 2.95 1.90
N LEU B 33 12.73 3.02 1.66
CA LEU B 33 11.75 3.11 2.72
C LEU B 33 11.44 1.69 3.21
N GLU B 34 11.79 0.71 2.37
CA GLU B 34 11.66 -0.71 2.71
C GLU B 34 12.31 -1.03 4.06
N PRO B 35 13.60 -0.68 4.26
CA PRO B 35 14.30 -0.97 5.51
C PRO B 35 13.57 -0.42 6.74
N PHE B 36 12.82 0.66 6.56
CA PHE B 36 12.09 1.29 7.66
C PHE B 36 10.74 0.59 7.86
N LEU B 37 10.15 0.15 6.77
CA LEU B 37 8.82 -0.46 6.80
C LEU B 37 8.90 -1.95 7.12
N ARG B 38 10.12 -2.47 7.22
CA ARG B 38 10.33 -3.88 7.51
C ARG B 38 9.88 -4.20 8.93
N GLY B 39 8.74 -4.86 9.06
CA GLY B 39 8.28 -5.30 10.36
C GLY B 39 7.28 -4.35 10.99
N ILE B 40 6.43 -3.75 10.17
CA ILE B 40 5.41 -2.84 10.69
C ILE B 40 4.04 -3.50 10.62
N ASN B 41 3.02 -2.89 11.21
CA ASN B 41 1.70 -3.45 11.16
C ASN B 41 0.76 -2.47 10.50
N VAL B 42 -0.02 -2.93 9.55
CA VAL B 42 -0.96 -2.06 8.89
C VAL B 42 -2.34 -2.69 8.85
N VAL B 43 -3.34 -1.92 9.21
CA VAL B 43 -4.71 -2.33 9.07
C VAL B 43 -5.19 -1.91 7.69
N TYR B 44 -5.32 -2.86 6.81
CA TYR B 44 -5.74 -2.59 5.46
C TYR B 44 -7.24 -2.38 5.43
N THR B 45 -7.65 -1.15 5.18
CA THR B 45 -9.06 -0.82 5.16
C THR B 45 -9.55 -0.74 3.71
N PRO B 46 -10.28 -1.75 3.26
CA PRO B 46 -10.81 -1.80 1.90
C PRO B 46 -11.88 -0.75 1.67
N PRO B 47 -11.73 0.03 0.60
CA PRO B 47 -12.70 1.05 0.19
C PRO B 47 -14.12 0.49 0.08
N GLN B 48 -15.10 1.36 0.28
CA GLN B 48 -16.51 0.97 0.34
C GLN B 48 -16.97 0.31 -0.97
N SER B 49 -16.24 0.58 -2.05
CA SER B 49 -16.57 -0.01 -3.34
C SER B 49 -16.05 -1.44 -3.45
N PHE B 50 -15.31 -1.88 -2.44
CA PHE B 50 -14.80 -3.25 -2.39
C PHE B 50 -15.75 -4.15 -1.63
N GLN B 51 -16.32 -3.63 -0.55
CA GLN B 51 -17.11 -4.44 0.38
C GLN B 51 -16.26 -5.59 0.91
N SER B 52 -15.23 -5.23 1.65
CA SER B 52 -14.32 -6.20 2.24
C SER B 52 -14.02 -5.80 3.68
N ALA B 53 -13.72 -6.79 4.51
CA ALA B 53 -13.47 -6.55 5.92
C ALA B 53 -12.05 -6.04 6.14
N PRO B 54 -11.90 -4.94 6.90
CA PRO B 54 -10.59 -4.39 7.25
C PRO B 54 -9.75 -5.43 7.98
N ARG B 55 -8.51 -5.61 7.53
CA ARG B 55 -7.68 -6.67 8.04
C ARG B 55 -6.25 -6.21 8.20
N VAL B 56 -5.64 -6.51 9.32
CA VAL B 56 -4.28 -6.08 9.60
C VAL B 56 -3.27 -7.10 9.07
N TYR B 57 -2.19 -6.59 8.50
CA TYR B 57 -1.13 -7.44 7.96
C TYR B 57 0.21 -6.97 8.51
N ARG B 58 1.09 -7.92 8.82
CA ARG B 58 2.41 -7.58 9.30
C ARG B 58 3.36 -7.40 8.13
N VAL B 59 3.66 -6.14 7.81
CA VAL B 59 4.49 -5.81 6.67
C VAL B 59 5.90 -6.35 6.83
N ASN B 60 6.27 -7.22 5.92
CA ASN B 60 7.63 -7.70 5.84
C ASN B 60 8.45 -6.74 5.00
N GLY B 61 7.79 -6.08 4.05
CA GLY B 61 8.46 -5.06 3.28
C GLY B 61 7.64 -4.53 2.12
N LEU B 62 8.31 -4.22 1.03
CA LEU B 62 7.65 -3.64 -0.14
C LEU B 62 8.01 -4.39 -1.40
N SER B 63 7.22 -4.14 -2.43
CA SER B 63 7.47 -4.69 -3.74
C SER B 63 8.20 -3.67 -4.59
N ARG B 64 9.27 -4.09 -5.23
CA ARG B 64 10.10 -3.20 -6.04
C ARG B 64 9.38 -2.79 -7.33
N ALA B 65 8.23 -3.38 -7.58
CA ALA B 65 7.44 -3.06 -8.76
C ALA B 65 6.17 -2.31 -8.39
N PRO B 66 5.99 -1.10 -8.96
CA PRO B 66 4.78 -0.28 -8.75
C PRO B 66 3.50 -0.96 -9.25
N ALA B 67 2.37 -0.43 -8.78
CA ALA B 67 1.07 -1.04 -9.02
C ALA B 67 0.65 -0.96 -10.49
N SER B 68 1.31 -0.10 -11.24
CA SER B 68 1.02 0.05 -12.66
C SER B 68 1.83 -0.94 -13.49
N SER B 69 2.78 -1.62 -12.85
CA SER B 69 3.66 -2.53 -13.56
C SER B 69 3.24 -3.99 -13.36
N GLU B 70 2.93 -4.36 -12.13
CA GLU B 70 2.56 -5.74 -11.83
C GLU B 70 1.16 -6.06 -12.33
N THR B 71 1.04 -7.19 -13.01
CA THR B 71 -0.22 -7.63 -13.57
C THR B 71 -0.62 -9.00 -13.01
N PHE B 72 -1.91 -9.28 -13.00
CA PHE B 72 -2.40 -10.59 -12.61
C PHE B 72 -3.61 -10.97 -13.46
N GLU B 73 -3.79 -12.27 -13.67
CA GLU B 73 -4.85 -12.76 -14.53
C GLU B 73 -6.15 -12.93 -13.74
N HIS B 74 -7.10 -12.05 -13.99
CA HIS B 74 -8.39 -12.10 -13.34
C HIS B 74 -9.48 -12.20 -14.40
N ASP B 75 -10.23 -13.29 -14.37
CA ASP B 75 -11.29 -13.56 -15.34
C ASP B 75 -10.69 -13.71 -16.75
N GLY B 76 -9.47 -14.23 -16.80
CA GLY B 76 -8.80 -14.43 -18.07
C GLY B 76 -8.16 -13.16 -18.61
N LYS B 77 -8.37 -12.06 -17.90
CA LYS B 77 -7.82 -10.78 -18.31
C LYS B 77 -6.72 -10.35 -17.33
N LYS B 78 -5.56 -9.99 -17.86
CA LYS B 78 -4.46 -9.58 -17.00
C LYS B 78 -4.49 -8.08 -16.80
N VAL B 79 -4.91 -7.69 -15.60
CA VAL B 79 -4.97 -6.30 -15.21
C VAL B 79 -3.86 -6.01 -14.21
N THR B 80 -3.47 -4.74 -14.10
CA THR B 80 -2.48 -4.35 -13.12
C THR B 80 -3.13 -4.19 -11.75
N ILE B 81 -2.32 -4.11 -10.70
CA ILE B 81 -2.85 -3.90 -9.36
C ILE B 81 -3.72 -2.64 -9.34
N ALA B 82 -3.20 -1.59 -9.97
CA ALA B 82 -3.90 -0.32 -10.07
C ALA B 82 -5.17 -0.45 -10.91
N SER B 83 -5.09 -1.22 -11.99
CA SER B 83 -6.22 -1.42 -12.88
C SER B 83 -7.38 -2.10 -12.15
N TYR B 84 -7.06 -3.03 -11.26
CA TYR B 84 -8.08 -3.71 -10.48
C TYR B 84 -8.82 -2.72 -9.59
N PHE B 85 -8.06 -1.90 -8.88
CA PHE B 85 -8.65 -0.90 -8.00
C PHE B 85 -9.43 0.14 -8.80
N HIS B 86 -8.89 0.52 -9.95
CA HIS B 86 -9.54 1.47 -10.84
C HIS B 86 -10.90 0.93 -11.29
N SER B 87 -10.94 -0.34 -11.68
CA SER B 87 -12.17 -0.99 -12.08
C SER B 87 -13.12 -1.12 -10.90
N ARG B 88 -12.54 -1.29 -9.71
CA ARG B 88 -13.31 -1.45 -8.49
C ARG B 88 -13.85 -0.10 -7.99
N ASN B 89 -13.60 0.94 -8.79
CA ASN B 89 -14.05 2.31 -8.50
C ASN B 89 -13.23 2.94 -7.38
N TYR B 90 -11.92 2.76 -7.48
CA TYR B 90 -10.98 3.45 -6.60
C TYR B 90 -9.68 3.69 -7.35
N PRO B 91 -9.68 4.69 -8.25
CA PRO B 91 -8.49 5.03 -9.05
C PRO B 91 -7.36 5.55 -8.18
N LEU B 92 -6.26 4.80 -8.14
CA LEU B 92 -5.10 5.20 -7.34
C LEU B 92 -4.53 6.52 -7.84
N LYS B 93 -4.40 7.47 -6.91
CA LYS B 93 -3.87 8.79 -7.22
C LYS B 93 -2.36 8.71 -7.52
N PHE B 94 -1.72 7.71 -6.94
CA PHE B 94 -0.29 7.51 -7.14
C PHE B 94 0.01 6.03 -7.35
N PRO B 95 -0.45 5.47 -8.49
CA PRO B 95 -0.28 4.04 -8.80
C PRO B 95 1.17 3.69 -9.14
N GLN B 96 2.00 4.72 -9.29
CA GLN B 96 3.39 4.54 -9.65
C GLN B 96 4.22 4.27 -8.39
N LEU B 97 3.54 4.22 -7.25
CA LEU B 97 4.19 3.89 -5.99
C LEU B 97 4.39 2.39 -5.87
N HIS B 98 5.53 2.02 -5.29
CA HIS B 98 5.84 0.63 -4.99
C HIS B 98 4.79 0.04 -4.03
N CYS B 99 4.28 -1.13 -4.38
CA CYS B 99 3.22 -1.77 -3.62
C CYS B 99 3.74 -2.35 -2.31
N LEU B 100 2.83 -2.55 -1.37
CA LEU B 100 3.17 -3.14 -0.09
C LEU B 100 3.35 -4.65 -0.26
N ASN B 101 4.37 -5.21 0.38
CA ASN B 101 4.63 -6.64 0.30
C ASN B 101 4.28 -7.31 1.62
N VAL B 102 3.11 -7.94 1.65
CA VAL B 102 2.62 -8.63 2.83
C VAL B 102 2.03 -9.98 2.45
N GLY B 103 1.47 -10.67 3.43
CA GLY B 103 0.86 -11.96 3.19
C GLY B 103 1.77 -13.10 3.61
N SER B 104 2.33 -13.77 2.63
CA SER B 104 3.25 -14.87 2.88
C SER B 104 4.23 -15.02 1.72
N SER B 105 5.10 -16.00 1.79
CA SER B 105 6.05 -16.25 0.71
C SER B 105 5.35 -16.95 -0.45
N ILE B 106 4.47 -17.90 -0.13
CA ILE B 106 3.72 -18.63 -1.14
C ILE B 106 2.59 -17.78 -1.70
N LYS B 107 2.07 -16.88 -0.87
CA LYS B 107 1.04 -15.97 -1.32
C LYS B 107 1.38 -14.54 -0.88
N SER B 108 2.16 -13.86 -1.71
CA SER B 108 2.47 -12.47 -1.46
C SER B 108 1.38 -11.60 -2.04
N ILE B 109 0.90 -10.64 -1.27
CA ILE B 109 -0.14 -9.75 -1.72
C ILE B 109 0.38 -8.32 -1.77
N LEU B 110 0.17 -7.68 -2.90
CA LEU B 110 0.63 -6.32 -3.10
C LEU B 110 -0.53 -5.35 -2.88
N LEU B 111 -0.36 -4.44 -1.94
CA LEU B 111 -1.44 -3.55 -1.54
C LEU B 111 -1.01 -2.09 -1.63
N PRO B 112 -1.95 -1.19 -1.93
CA PRO B 112 -1.70 0.25 -1.91
C PRO B 112 -1.37 0.72 -0.51
N ILE B 113 -0.15 1.22 -0.31
CA ILE B 113 0.27 1.82 0.95
C ILE B 113 -0.71 2.93 1.36
N GLU B 114 -1.40 3.45 0.37
CA GLU B 114 -2.49 4.41 0.54
C GLU B 114 -3.60 3.87 1.46
N LEU B 115 -3.88 2.58 1.34
CA LEU B 115 -4.98 1.96 2.10
C LEU B 115 -4.44 1.17 3.28
N CYS B 116 -3.15 1.28 3.50
CA CYS B 116 -2.53 0.62 4.63
C CYS B 116 -2.41 1.61 5.77
N SER B 117 -2.99 1.26 6.90
CA SER B 117 -3.04 2.19 8.02
C SER B 117 -2.32 1.62 9.24
N ILE B 118 -1.24 2.28 9.63
CA ILE B 118 -0.39 1.83 10.72
C ILE B 118 -1.10 1.98 12.06
N GLU B 119 -1.31 0.87 12.74
CA GLU B 119 -2.07 0.89 13.99
C GLU B 119 -1.12 1.21 15.15
N GLU B 120 -1.70 1.84 16.18
CA GLU B 120 -0.95 2.43 17.29
C GLU B 120 0.07 1.48 17.91
N GLY B 121 -0.23 0.18 17.91
CA GLY B 121 0.75 -0.80 18.31
C GLY B 121 1.75 -1.05 17.20
N GLN B 122 2.50 -0.01 16.87
CA GLN B 122 3.33 0.06 15.67
C GLN B 122 4.26 -1.14 15.52
N ALA B 123 5.02 -1.41 16.55
CA ALA B 123 6.04 -2.44 16.50
C ALA B 123 5.82 -3.48 17.59
N GLY B 1 -2.81 5.87 22.41
CA GLY B 1 -4.22 5.60 22.04
C GLY B 1 -4.33 4.42 21.09
N ALA B 2 -5.30 4.51 20.19
CA ALA B 2 -5.49 3.50 19.17
C ALA B 2 -5.70 4.19 17.81
N MET B 3 -4.92 5.22 17.57
CA MET B 3 -5.05 6.02 16.36
C MET B 3 -4.37 5.32 15.19
N ALA B 4 -5.19 4.79 14.30
CA ALA B 4 -4.71 4.17 13.08
C ALA B 4 -4.38 5.23 12.05
N MET B 5 -3.09 5.45 11.85
CA MET B 5 -2.62 6.52 10.96
C MET B 5 -2.34 5.99 9.58
N PRO B 6 -3.15 6.38 8.58
CA PRO B 6 -2.95 5.98 7.18
C PRO B 6 -1.51 6.18 6.75
N MET B 7 -1.00 5.22 5.98
CA MET B 7 0.42 5.14 5.64
C MET B 7 0.87 6.36 4.85
N ILE B 8 -0.02 6.93 4.06
CA ILE B 8 0.29 8.15 3.33
C ILE B 8 0.38 9.32 4.31
N GLU B 9 -0.58 9.35 5.23
CA GLU B 9 -0.61 10.34 6.32
C GLU B 9 0.68 10.25 7.16
N TYR B 10 1.16 9.03 7.32
CA TYR B 10 2.36 8.76 8.10
C TYR B 10 3.57 9.45 7.50
N LEU B 11 3.81 9.22 6.20
CA LEU B 11 4.94 9.84 5.53
C LEU B 11 4.79 11.35 5.48
N GLU B 12 3.55 11.83 5.38
CA GLU B 12 3.28 13.25 5.42
C GLU B 12 3.81 13.88 6.71
N ARG B 13 3.39 13.32 7.83
CA ARG B 13 3.69 13.90 9.14
C ARG B 13 5.11 13.60 9.61
N PHE B 14 5.63 12.43 9.26
CA PHE B 14 6.91 11.99 9.84
C PHE B 14 8.07 12.04 8.85
N SER B 15 7.82 11.73 7.59
CA SER B 15 8.91 11.54 6.64
C SER B 15 9.19 12.81 5.82
N LEU B 16 8.16 13.53 5.42
CA LEU B 16 8.35 14.68 4.54
C LEU B 16 7.97 16.01 5.20
N LYS B 17 7.06 15.94 6.17
CA LYS B 17 6.50 17.15 6.82
C LYS B 17 5.63 17.93 5.84
N ALA B 18 5.24 17.25 4.76
CA ALA B 18 4.41 17.83 3.72
C ALA B 18 3.50 16.77 3.13
N LYS B 19 2.42 17.21 2.49
CA LYS B 19 1.42 16.31 1.95
C LYS B 19 1.96 15.51 0.77
N ILE B 20 1.76 14.20 0.81
CA ILE B 20 2.15 13.36 -0.31
C ILE B 20 1.10 13.43 -1.41
N ASN B 21 1.56 13.70 -2.62
CA ASN B 21 0.69 13.83 -3.77
C ASN B 21 1.50 13.45 -5.02
N ASN B 22 1.02 13.83 -6.19
CA ASN B 22 1.74 13.52 -7.43
C ASN B 22 3.09 14.25 -7.46
N THR B 23 3.18 15.35 -6.72
CA THR B 23 4.37 16.18 -6.73
C THR B 23 5.48 15.58 -5.86
N THR B 24 5.11 14.72 -4.91
CA THR B 24 6.09 14.06 -4.08
C THR B 24 6.52 12.75 -4.73
N ASN B 25 7.80 12.64 -5.06
CA ASN B 25 8.30 11.49 -5.81
C ASN B 25 8.87 10.42 -4.89
N LEU B 26 7.99 9.80 -4.11
CA LEU B 26 8.39 8.74 -3.19
C LEU B 26 8.43 7.40 -3.91
N ASP B 27 8.14 7.41 -5.20
CA ASP B 27 8.06 6.19 -5.99
C ASP B 27 9.45 5.60 -6.20
N TYR B 28 10.42 6.45 -6.54
CA TYR B 28 11.78 5.98 -6.77
C TYR B 28 12.47 5.64 -5.46
N SER B 29 11.98 6.21 -4.37
CA SER B 29 12.59 6.03 -3.06
C SER B 29 11.93 4.90 -2.29
N ARG B 30 10.77 4.45 -2.78
CA ARG B 30 9.96 3.48 -2.05
C ARG B 30 10.75 2.20 -1.75
N ARG B 31 11.66 1.84 -2.66
CA ARG B 31 12.46 0.63 -2.49
C ARG B 31 13.52 0.77 -1.38
N PHE B 32 13.80 2.00 -0.95
CA PHE B 32 14.74 2.23 0.14
C PHE B 32 13.97 2.72 1.37
N LEU B 33 12.67 2.88 1.19
CA LEU B 33 11.78 3.13 2.30
C LEU B 33 11.40 1.81 2.94
N GLU B 34 11.63 0.73 2.18
CA GLU B 34 11.46 -0.63 2.69
C GLU B 34 12.12 -0.83 4.05
N PRO B 35 13.42 -0.50 4.22
CA PRO B 35 14.11 -0.67 5.49
C PRO B 35 13.38 0.03 6.65
N PHE B 36 12.66 1.09 6.35
CA PHE B 36 11.92 1.85 7.35
C PHE B 36 10.55 1.22 7.60
N LEU B 37 10.10 0.44 6.63
CA LEU B 37 8.77 -0.18 6.65
C LEU B 37 8.86 -1.66 7.00
N ARG B 38 10.08 -2.13 7.20
CA ARG B 38 10.32 -3.56 7.38
C ARG B 38 9.88 -4.04 8.77
N GLY B 39 8.84 -4.87 8.79
CA GLY B 39 8.35 -5.44 10.03
C GLY B 39 7.40 -4.50 10.74
N ILE B 40 6.43 -3.97 10.00
CA ILE B 40 5.42 -3.10 10.61
C ILE B 40 4.05 -3.77 10.53
N ASN B 41 3.05 -3.20 11.19
CA ASN B 41 1.71 -3.77 11.15
C ASN B 41 0.74 -2.76 10.55
N VAL B 42 0.09 -3.13 9.46
CA VAL B 42 -0.79 -2.20 8.79
C VAL B 42 -2.21 -2.74 8.72
N VAL B 43 -3.16 -1.87 9.03
CA VAL B 43 -4.56 -2.18 8.88
C VAL B 43 -4.97 -1.86 7.46
N TYR B 44 -5.15 -2.89 6.65
CA TYR B 44 -5.55 -2.70 5.27
C TYR B 44 -7.04 -2.47 5.18
N THR B 45 -7.42 -1.25 4.84
CA THR B 45 -8.82 -0.89 4.72
C THR B 45 -9.22 -0.83 3.25
N PRO B 46 -9.95 -1.85 2.78
CA PRO B 46 -10.43 -1.93 1.40
C PRO B 46 -11.55 -0.92 1.13
N PRO B 47 -11.49 -0.24 -0.03
CA PRO B 47 -12.54 0.67 -0.46
C PRO B 47 -13.91 -0.01 -0.47
N GLN B 48 -14.93 0.73 -0.04
CA GLN B 48 -16.28 0.18 0.18
C GLN B 48 -16.85 -0.51 -1.06
N SER B 49 -16.35 -0.17 -2.23
CA SER B 49 -16.83 -0.78 -3.47
C SER B 49 -16.44 -2.26 -3.53
N PHE B 50 -15.42 -2.62 -2.75
CA PHE B 50 -14.96 -4.00 -2.67
C PHE B 50 -15.87 -4.83 -1.76
N GLN B 51 -16.46 -4.13 -0.78
CA GLN B 51 -17.28 -4.74 0.25
C GLN B 51 -16.45 -5.72 1.09
N SER B 52 -15.14 -5.51 1.07
CA SER B 52 -14.21 -6.38 1.78
C SER B 52 -13.94 -5.82 3.18
N ALA B 53 -13.72 -6.72 4.13
CA ALA B 53 -13.47 -6.34 5.52
C ALA B 53 -12.01 -5.98 5.71
N PRO B 54 -11.74 -4.95 6.55
CA PRO B 54 -10.37 -4.52 6.86
C PRO B 54 -9.60 -5.57 7.63
N ARG B 55 -8.35 -5.80 7.21
CA ARG B 55 -7.53 -6.82 7.83
C ARG B 55 -6.13 -6.29 8.10
N VAL B 56 -5.62 -6.58 9.28
CA VAL B 56 -4.27 -6.15 9.64
C VAL B 56 -3.25 -7.17 9.14
N TYR B 57 -2.18 -6.67 8.54
CA TYR B 57 -1.11 -7.52 8.02
C TYR B 57 0.23 -6.96 8.45
N ARG B 58 1.20 -7.84 8.69
CA ARG B 58 2.54 -7.39 9.00
C ARG B 58 3.31 -7.22 7.70
N VAL B 59 3.87 -6.04 7.52
CA VAL B 59 4.66 -5.73 6.35
C VAL B 59 6.04 -6.35 6.46
N ASN B 60 6.32 -7.26 5.54
CA ASN B 60 7.65 -7.84 5.39
C ASN B 60 8.50 -6.86 4.60
N GLY B 61 7.85 -6.15 3.69
CA GLY B 61 8.51 -5.11 2.94
C GLY B 61 7.70 -4.68 1.74
N LEU B 62 8.37 -4.45 0.62
CA LEU B 62 7.69 -4.00 -0.58
C LEU B 62 8.06 -4.85 -1.76
N SER B 63 7.22 -4.78 -2.78
CA SER B 63 7.46 -5.46 -4.03
C SER B 63 8.30 -4.56 -4.93
N ARG B 64 9.01 -5.15 -5.88
CA ARG B 64 9.92 -4.40 -6.72
C ARG B 64 9.18 -3.69 -7.85
N ALA B 65 7.90 -3.95 -7.97
CA ALA B 65 7.06 -3.31 -8.98
C ALA B 65 5.93 -2.52 -8.32
N PRO B 66 5.86 -1.21 -8.61
CA PRO B 66 4.78 -0.35 -8.14
C PRO B 66 3.40 -0.80 -8.63
N ALA B 67 2.34 -0.29 -8.01
CA ALA B 67 0.98 -0.78 -8.27
C ALA B 67 0.63 -0.82 -9.76
N SER B 68 1.03 0.20 -10.49
CA SER B 68 0.70 0.30 -11.91
C SER B 68 1.66 -0.52 -12.77
N SER B 69 2.69 -1.10 -12.15
CA SER B 69 3.67 -1.90 -12.86
C SER B 69 3.54 -3.39 -12.49
N GLU B 70 2.91 -3.66 -11.36
CA GLU B 70 2.77 -5.01 -10.86
C GLU B 70 1.50 -5.65 -11.42
N THR B 71 1.63 -6.84 -11.96
CA THR B 71 0.50 -7.52 -12.59
C THR B 71 0.14 -8.81 -11.85
N PHE B 72 -1.14 -9.11 -11.79
CA PHE B 72 -1.62 -10.39 -11.30
C PHE B 72 -2.75 -10.89 -12.19
N GLU B 73 -2.83 -12.19 -12.38
CA GLU B 73 -3.80 -12.75 -13.31
C GLU B 73 -5.16 -12.90 -12.65
N HIS B 74 -6.09 -12.05 -13.05
CA HIS B 74 -7.44 -12.07 -12.53
C HIS B 74 -8.36 -12.70 -13.56
N ASP B 75 -8.57 -14.01 -13.42
CA ASP B 75 -9.47 -14.76 -14.28
C ASP B 75 -9.06 -14.64 -15.76
N GLY B 76 -7.82 -15.02 -16.03
CA GLY B 76 -7.34 -15.07 -17.40
C GLY B 76 -6.70 -13.77 -17.86
N LYS B 77 -6.99 -12.68 -17.17
CA LYS B 77 -6.48 -11.37 -17.56
C LYS B 77 -5.48 -10.86 -16.54
N LYS B 78 -4.27 -10.55 -16.98
CA LYS B 78 -3.26 -9.99 -16.11
C LYS B 78 -3.51 -8.49 -15.91
N VAL B 79 -4.18 -8.15 -14.83
CA VAL B 79 -4.45 -6.77 -14.50
C VAL B 79 -3.41 -6.27 -13.50
N THR B 80 -3.08 -5.00 -13.58
CA THR B 80 -2.17 -4.41 -12.62
C THR B 80 -2.90 -4.14 -11.32
N ILE B 81 -2.17 -4.05 -10.21
CA ILE B 81 -2.80 -3.77 -8.92
C ILE B 81 -3.62 -2.49 -9.03
N ALA B 82 -3.02 -1.49 -9.68
CA ALA B 82 -3.68 -0.21 -9.89
C ALA B 82 -4.95 -0.35 -10.74
N SER B 83 -4.87 -1.15 -11.81
CA SER B 83 -5.98 -1.31 -12.73
C SER B 83 -7.17 -1.97 -12.03
N TYR B 84 -6.89 -2.94 -11.18
CA TYR B 84 -7.95 -3.68 -10.48
C TYR B 84 -8.75 -2.74 -9.58
N PHE B 85 -8.04 -1.96 -8.78
CA PHE B 85 -8.68 -0.99 -7.90
C PHE B 85 -9.34 0.12 -8.70
N HIS B 86 -8.69 0.52 -9.79
CA HIS B 86 -9.20 1.58 -10.66
C HIS B 86 -10.61 1.26 -11.16
N SER B 87 -10.79 0.02 -11.61
CA SER B 87 -12.08 -0.46 -12.09
C SER B 87 -13.14 -0.45 -10.99
N ARG B 88 -12.67 -0.56 -9.74
CA ARG B 88 -13.57 -0.59 -8.59
C ARG B 88 -13.90 0.81 -8.08
N ASN B 89 -13.88 1.79 -8.99
CA ASN B 89 -14.30 3.17 -8.71
C ASN B 89 -13.31 3.89 -7.79
N TYR B 90 -12.13 3.32 -7.62
CA TYR B 90 -11.11 3.93 -6.78
C TYR B 90 -9.82 4.13 -7.55
N PRO B 91 -9.59 5.34 -8.07
CA PRO B 91 -8.35 5.67 -8.75
C PRO B 91 -7.23 6.00 -7.77
N LEU B 92 -6.22 5.13 -7.74
CA LEU B 92 -5.05 5.32 -6.88
C LEU B 92 -4.39 6.66 -7.16
N LYS B 93 -4.07 7.38 -6.09
CA LYS B 93 -3.54 8.73 -6.22
C LYS B 93 -2.05 8.68 -6.54
N PHE B 94 -1.38 7.64 -6.05
CA PHE B 94 0.04 7.46 -6.29
C PHE B 94 0.35 5.99 -6.57
N PRO B 95 -0.18 5.45 -7.67
CA PRO B 95 -0.02 4.04 -8.01
C PRO B 95 1.40 3.68 -8.44
N GLN B 96 2.25 4.70 -8.56
CA GLN B 96 3.65 4.50 -8.89
C GLN B 96 4.45 4.11 -7.65
N LEU B 97 3.77 4.00 -6.52
CA LEU B 97 4.40 3.52 -5.30
C LEU B 97 4.47 2.00 -5.31
N HIS B 98 5.62 1.47 -4.92
CA HIS B 98 5.86 0.03 -4.85
C HIS B 98 4.80 -0.65 -3.98
N CYS B 99 4.26 -1.74 -4.51
CA CYS B 99 3.19 -2.48 -3.84
C CYS B 99 3.67 -3.02 -2.49
N LEU B 100 2.77 -3.01 -1.53
CA LEU B 100 3.09 -3.45 -0.18
C LEU B 100 3.14 -4.97 -0.12
N ASN B 101 4.28 -5.51 0.29
CA ASN B 101 4.45 -6.95 0.38
C ASN B 101 4.10 -7.42 1.79
N VAL B 102 2.86 -7.87 1.95
CA VAL B 102 2.36 -8.30 3.24
C VAL B 102 1.76 -9.70 3.15
N GLY B 103 1.06 -10.09 4.21
CA GLY B 103 0.46 -11.41 4.25
C GLY B 103 1.41 -12.43 4.84
N SER B 104 2.08 -13.15 3.97
CA SER B 104 3.04 -14.16 4.39
C SER B 104 4.09 -14.36 3.31
N SER B 105 5.07 -15.22 3.57
CA SER B 105 6.10 -15.50 2.60
C SER B 105 5.65 -16.63 1.67
N ILE B 106 4.77 -17.49 2.17
CA ILE B 106 4.21 -18.56 1.35
C ILE B 106 3.08 -18.00 0.48
N LYS B 107 2.34 -17.04 1.01
CA LYS B 107 1.28 -16.37 0.27
C LYS B 107 1.46 -14.86 0.38
N SER B 108 2.15 -14.30 -0.59
CA SER B 108 2.43 -12.87 -0.61
C SER B 108 1.29 -12.11 -1.26
N ILE B 109 0.82 -11.07 -0.59
CA ILE B 109 -0.20 -10.20 -1.15
C ILE B 109 0.35 -8.80 -1.30
N LEU B 110 0.15 -8.24 -2.47
CA LEU B 110 0.65 -6.91 -2.76
C LEU B 110 -0.51 -5.93 -2.76
N LEU B 111 -0.43 -4.94 -1.89
CA LEU B 111 -1.55 -4.05 -1.65
C LEU B 111 -1.13 -2.58 -1.77
N PRO B 112 -2.06 -1.71 -2.17
CA PRO B 112 -1.87 -0.26 -2.08
C PRO B 112 -1.56 0.16 -0.67
N ILE B 113 -0.30 0.50 -0.42
CA ILE B 113 0.11 1.00 0.88
C ILE B 113 -0.66 2.28 1.20
N GLU B 114 -1.17 2.91 0.14
CA GLU B 114 -2.09 4.05 0.25
C GLU B 114 -3.33 3.70 1.09
N LEU B 115 -3.79 2.44 0.99
CA LEU B 115 -4.99 1.99 1.72
C LEU B 115 -4.60 1.26 2.99
N CYS B 116 -3.35 1.36 3.36
CA CYS B 116 -2.87 0.73 4.57
C CYS B 116 -2.67 1.78 5.64
N SER B 117 -2.85 1.41 6.89
CA SER B 117 -2.74 2.36 7.98
C SER B 117 -1.99 1.77 9.17
N ILE B 118 -1.09 2.56 9.71
CA ILE B 118 -0.17 2.13 10.76
C ILE B 118 -0.78 2.31 12.15
N GLU B 119 -0.52 1.37 13.04
CA GLU B 119 -0.96 1.48 14.42
C GLU B 119 0.14 2.13 15.25
N GLU B 120 -0.22 3.23 15.92
CA GLU B 120 0.72 4.08 16.65
C GLU B 120 1.59 3.30 17.65
N GLY B 121 1.05 2.23 18.22
CA GLY B 121 1.74 1.51 19.27
C GLY B 121 2.89 0.65 18.78
N GLN B 122 2.98 0.49 17.47
CA GLN B 122 4.00 -0.38 16.90
C GLN B 122 5.29 0.39 16.65
N ALA B 123 5.15 1.69 16.58
CA ALA B 123 6.28 2.56 16.30
C ALA B 123 6.66 3.38 17.53
N GLY B 1 -7.65 2.88 23.14
CA GLY B 1 -7.93 3.45 21.80
C GLY B 1 -6.93 2.98 20.77
N ALA B 2 -7.44 2.39 19.69
CA ALA B 2 -6.59 1.91 18.61
C ALA B 2 -6.64 2.89 17.44
N MET B 3 -5.67 3.79 17.40
CA MET B 3 -5.62 4.81 16.36
C MET B 3 -4.77 4.32 15.22
N ALA B 4 -5.36 4.32 14.04
CA ALA B 4 -4.68 3.86 12.84
C ALA B 4 -4.32 5.04 11.93
N MET B 5 -3.05 5.10 11.57
CA MET B 5 -2.51 6.18 10.73
C MET B 5 -2.25 5.68 9.31
N PRO B 6 -3.04 6.15 8.33
CA PRO B 6 -2.83 5.79 6.92
C PRO B 6 -1.40 6.12 6.49
N MET B 7 -0.72 5.14 5.89
CA MET B 7 0.71 5.23 5.59
C MET B 7 1.06 6.42 4.72
N ILE B 8 0.14 6.85 3.89
CA ILE B 8 0.35 8.05 3.09
C ILE B 8 0.51 9.28 4.00
N GLU B 9 -0.41 9.41 4.93
CA GLU B 9 -0.40 10.51 5.89
C GLU B 9 0.71 10.31 6.93
N TYR B 10 1.01 9.05 7.20
CA TYR B 10 2.08 8.68 8.12
C TYR B 10 3.43 9.14 7.57
N LEU B 11 3.65 8.88 6.28
CA LEU B 11 4.90 9.24 5.62
C LEU B 11 5.10 10.73 5.56
N GLU B 12 4.06 11.46 5.18
CA GLU B 12 4.17 12.90 5.03
C GLU B 12 4.46 13.58 6.37
N ARG B 13 3.69 13.24 7.40
CA ARG B 13 3.80 13.92 8.69
C ARG B 13 5.03 13.47 9.48
N PHE B 14 5.20 12.16 9.62
CA PHE B 14 6.21 11.63 10.54
C PHE B 14 7.57 11.45 9.86
N SER B 15 7.56 11.10 8.59
CA SER B 15 8.81 10.78 7.91
C SER B 15 9.37 12.00 7.18
N LEU B 16 8.53 12.65 6.37
CA LEU B 16 9.01 13.70 5.49
C LEU B 16 8.81 15.09 6.07
N LYS B 17 7.87 15.21 7.02
CA LYS B 17 7.53 16.49 7.63
C LYS B 17 6.90 17.43 6.61
N ALA B 18 6.37 16.83 5.55
CA ALA B 18 5.75 17.56 4.46
C ALA B 18 4.34 17.04 4.18
N LYS B 19 3.80 17.39 3.03
CA LYS B 19 2.49 16.90 2.61
C LYS B 19 2.65 15.94 1.43
N ILE B 20 1.94 14.82 1.47
CA ILE B 20 1.97 13.86 0.38
C ILE B 20 0.86 14.13 -0.63
N ASN B 21 1.26 14.28 -1.87
CA ASN B 21 0.33 14.41 -2.99
C ASN B 21 0.86 13.61 -4.16
N ASN B 22 0.27 13.78 -5.34
CA ASN B 22 0.80 13.13 -6.54
C ASN B 22 2.12 13.79 -6.94
N THR B 23 2.43 14.90 -6.31
CA THR B 23 3.64 15.65 -6.60
C THR B 23 4.81 15.23 -5.72
N THR B 24 4.52 14.45 -4.66
CA THR B 24 5.58 13.95 -3.80
C THR B 24 6.31 12.81 -4.50
N ASN B 25 7.61 12.99 -4.72
CA ASN B 25 8.38 12.04 -5.53
C ASN B 25 9.00 10.96 -4.65
N LEU B 26 8.14 10.14 -4.06
CA LEU B 26 8.59 9.01 -3.26
C LEU B 26 8.74 7.75 -4.09
N ASP B 27 8.53 7.88 -5.39
CA ASP B 27 8.61 6.74 -6.32
C ASP B 27 9.87 5.92 -6.08
N TYR B 28 11.01 6.56 -6.26
CA TYR B 28 12.29 5.90 -6.11
C TYR B 28 12.59 5.66 -4.63
N SER B 29 11.92 6.42 -3.78
CA SER B 29 12.21 6.41 -2.35
C SER B 29 11.56 5.22 -1.71
N ARG B 30 10.53 4.70 -2.36
CA ARG B 30 9.72 3.63 -1.82
C ARG B 30 10.59 2.42 -1.47
N ARG B 31 11.67 2.21 -2.23
CA ARG B 31 12.57 1.09 -1.98
C ARG B 31 13.42 1.34 -0.72
N PHE B 32 13.73 2.60 -0.43
CA PHE B 32 14.47 2.91 0.80
C PHE B 32 13.48 3.05 1.95
N LEU B 33 12.21 3.09 1.61
CA LEU B 33 11.16 3.11 2.61
C LEU B 33 10.86 1.68 3.05
N GLU B 34 11.29 0.71 2.23
CA GLU B 34 11.21 -0.70 2.61
C GLU B 34 11.85 -0.98 3.95
N PRO B 35 13.13 -0.58 4.16
CA PRO B 35 13.82 -0.80 5.44
C PRO B 35 13.04 -0.22 6.62
N PHE B 36 12.34 0.90 6.36
CA PHE B 36 11.59 1.58 7.40
C PHE B 36 10.29 0.85 7.69
N LEU B 37 9.81 0.11 6.69
CA LEU B 37 8.55 -0.59 6.78
C LEU B 37 8.77 -2.05 7.18
N ARG B 38 10.03 -2.46 7.26
CA ARG B 38 10.38 -3.83 7.63
C ARG B 38 9.92 -4.15 9.03
N GLY B 39 8.88 -4.98 9.14
CA GLY B 39 8.38 -5.41 10.42
C GLY B 39 7.44 -4.41 11.05
N ILE B 40 6.48 -3.92 10.26
CA ILE B 40 5.44 -3.05 10.79
C ILE B 40 4.08 -3.73 10.70
N ASN B 41 3.06 -3.15 11.32
CA ASN B 41 1.73 -3.74 11.27
C ASN B 41 0.75 -2.72 10.76
N VAL B 42 0.08 -3.05 9.66
CA VAL B 42 -0.83 -2.12 9.02
C VAL B 42 -2.21 -2.73 8.90
N VAL B 43 -3.22 -1.97 9.25
CA VAL B 43 -4.59 -2.39 9.08
C VAL B 43 -5.05 -1.99 7.68
N TYR B 44 -5.15 -2.97 6.80
CA TYR B 44 -5.57 -2.72 5.45
C TYR B 44 -7.09 -2.60 5.41
N THR B 45 -7.57 -1.41 5.06
CA THR B 45 -8.99 -1.17 4.99
C THR B 45 -9.44 -1.11 3.53
N PRO B 46 -10.08 -2.18 3.04
CA PRO B 46 -10.56 -2.25 1.66
C PRO B 46 -11.51 -1.11 1.32
N PRO B 47 -11.30 -0.48 0.15
CA PRO B 47 -12.14 0.63 -0.32
C PRO B 47 -13.61 0.30 -0.25
N GLN B 48 -14.41 1.35 -0.09
CA GLN B 48 -15.85 1.26 0.14
C GLN B 48 -16.56 0.38 -0.89
N SER B 49 -16.04 0.33 -2.12
CA SER B 49 -16.65 -0.44 -3.18
C SER B 49 -16.32 -1.93 -3.08
N PHE B 50 -15.31 -2.26 -2.27
CA PHE B 50 -14.93 -3.65 -2.04
C PHE B 50 -15.91 -4.31 -1.09
N GLN B 51 -16.39 -3.52 -0.13
CA GLN B 51 -17.34 -3.97 0.87
C GLN B 51 -16.77 -5.12 1.69
N SER B 52 -15.44 -5.20 1.74
CA SER B 52 -14.74 -6.23 2.48
C SER B 52 -14.23 -5.67 3.80
N ALA B 53 -14.19 -6.53 4.82
CA ALA B 53 -13.75 -6.12 6.15
C ALA B 53 -12.25 -5.88 6.19
N PRO B 54 -11.82 -4.84 6.93
CA PRO B 54 -10.40 -4.49 7.07
C PRO B 54 -9.64 -5.52 7.92
N ARG B 55 -8.39 -5.77 7.54
CA ARG B 55 -7.58 -6.76 8.23
C ARG B 55 -6.15 -6.26 8.36
N VAL B 56 -5.55 -6.50 9.51
CA VAL B 56 -4.19 -6.07 9.77
C VAL B 56 -3.17 -7.09 9.24
N TYR B 57 -2.10 -6.60 8.63
CA TYR B 57 -1.06 -7.46 8.09
C TYR B 57 0.30 -6.95 8.54
N ARG B 58 1.25 -7.86 8.71
CA ARG B 58 2.61 -7.48 9.02
C ARG B 58 3.37 -7.22 7.74
N VAL B 59 3.97 -6.05 7.64
CA VAL B 59 4.76 -5.70 6.48
C VAL B 59 6.17 -6.24 6.61
N ASN B 60 6.50 -7.13 5.70
CA ASN B 60 7.86 -7.63 5.57
C ASN B 60 8.65 -6.70 4.66
N GLY B 61 7.94 -6.10 3.70
CA GLY B 61 8.58 -5.13 2.84
C GLY B 61 7.66 -4.64 1.74
N LEU B 62 8.23 -4.37 0.57
CA LEU B 62 7.49 -3.83 -0.55
C LEU B 62 7.74 -4.66 -1.81
N SER B 63 6.86 -4.48 -2.77
CA SER B 63 6.94 -5.19 -4.02
C SER B 63 8.15 -4.73 -4.83
N ARG B 64 8.56 -5.55 -5.79
CA ARG B 64 9.75 -5.28 -6.57
C ARG B 64 9.41 -4.41 -7.77
N ALA B 65 8.13 -4.17 -7.98
CA ALA B 65 7.66 -3.34 -9.08
C ALA B 65 6.45 -2.52 -8.64
N PRO B 66 6.28 -1.32 -9.22
CA PRO B 66 5.14 -0.43 -8.94
C PRO B 66 3.79 -1.07 -9.24
N ALA B 67 2.74 -0.50 -8.66
CA ALA B 67 1.38 -1.02 -8.77
C ALA B 67 0.89 -1.07 -10.22
N SER B 68 1.48 -0.25 -11.06
CA SER B 68 1.11 -0.20 -12.48
C SER B 68 1.90 -1.22 -13.29
N SER B 69 3.01 -1.70 -12.73
CA SER B 69 3.85 -2.66 -13.43
C SER B 69 3.51 -4.10 -13.04
N GLU B 70 3.10 -4.27 -11.79
CA GLU B 70 2.80 -5.60 -11.28
C GLU B 70 1.45 -6.09 -11.78
N THR B 71 1.51 -7.14 -12.60
CA THR B 71 0.32 -7.75 -13.15
C THR B 71 0.07 -9.11 -12.51
N PHE B 72 -1.16 -9.37 -12.13
CA PHE B 72 -1.51 -10.66 -11.55
C PHE B 72 -2.68 -11.28 -12.31
N GLU B 73 -2.76 -12.60 -12.28
CA GLU B 73 -3.79 -13.31 -13.00
C GLU B 73 -5.01 -13.51 -12.13
N HIS B 74 -6.06 -12.77 -12.42
CA HIS B 74 -7.31 -12.87 -11.69
C HIS B 74 -8.34 -13.60 -12.54
N ASP B 75 -8.51 -14.89 -12.27
CA ASP B 75 -9.42 -15.74 -13.02
C ASP B 75 -9.04 -15.80 -14.50
N GLY B 76 -7.75 -15.84 -14.76
CA GLY B 76 -7.26 -15.95 -16.13
C GLY B 76 -7.01 -14.61 -16.77
N LYS B 77 -7.41 -13.53 -16.12
CA LYS B 77 -7.19 -12.19 -16.64
C LYS B 77 -6.01 -11.53 -15.95
N LYS B 78 -5.03 -11.10 -16.74
CA LYS B 78 -3.88 -10.40 -16.20
C LYS B 78 -4.16 -8.91 -16.07
N VAL B 79 -4.35 -8.47 -14.83
CA VAL B 79 -4.59 -7.07 -14.55
C VAL B 79 -3.54 -6.56 -13.57
N THR B 80 -3.31 -5.25 -13.58
CA THR B 80 -2.34 -4.67 -12.66
C THR B 80 -3.00 -4.37 -11.33
N ILE B 81 -2.20 -4.24 -10.29
CA ILE B 81 -2.72 -3.91 -8.96
C ILE B 81 -3.47 -2.57 -9.03
N ALA B 82 -2.87 -1.62 -9.74
CA ALA B 82 -3.44 -0.29 -9.89
C ALA B 82 -4.78 -0.32 -10.61
N SER B 83 -4.83 -1.00 -11.75
CA SER B 83 -6.05 -1.05 -12.55
C SER B 83 -7.15 -1.84 -11.86
N TYR B 84 -6.77 -2.79 -11.01
CA TYR B 84 -7.76 -3.56 -10.28
C TYR B 84 -8.53 -2.62 -9.34
N PHE B 85 -7.79 -1.83 -8.57
CA PHE B 85 -8.42 -0.86 -7.68
C PHE B 85 -9.13 0.24 -8.45
N HIS B 86 -8.52 0.67 -9.55
CA HIS B 86 -9.10 1.69 -10.40
C HIS B 86 -10.50 1.27 -10.87
N SER B 87 -10.61 0.05 -11.36
CA SER B 87 -11.88 -0.47 -11.85
C SER B 87 -12.88 -0.67 -10.70
N ARG B 88 -12.36 -0.87 -9.48
CA ARG B 88 -13.23 -1.00 -8.31
C ARG B 88 -13.65 0.37 -7.80
N ASN B 89 -13.49 1.39 -8.64
CA ASN B 89 -13.93 2.76 -8.34
C ASN B 89 -13.04 3.41 -7.28
N TYR B 90 -11.76 3.07 -7.29
CA TYR B 90 -10.79 3.76 -6.47
C TYR B 90 -9.60 4.17 -7.33
N PRO B 91 -9.65 5.37 -7.91
CA PRO B 91 -8.57 5.88 -8.77
C PRO B 91 -7.32 6.23 -7.96
N LEU B 92 -6.26 5.47 -8.16
CA LEU B 92 -4.99 5.71 -7.48
C LEU B 92 -4.35 7.01 -7.96
N LYS B 93 -4.10 7.89 -7.01
CA LYS B 93 -3.49 9.18 -7.30
C LYS B 93 -2.01 9.03 -7.63
N PHE B 94 -1.42 7.94 -7.15
CA PHE B 94 -0.02 7.64 -7.40
C PHE B 94 0.18 6.14 -7.66
N PRO B 95 -0.33 5.65 -8.80
CA PRO B 95 -0.22 4.23 -9.17
C PRO B 95 1.19 3.80 -9.55
N GLN B 96 2.10 4.76 -9.65
CA GLN B 96 3.49 4.47 -10.00
C GLN B 96 4.28 4.07 -8.74
N LEU B 97 3.64 4.15 -7.59
CA LEU B 97 4.28 3.75 -6.34
C LEU B 97 4.29 2.24 -6.21
N HIS B 98 5.28 1.73 -5.49
CA HIS B 98 5.42 0.31 -5.23
C HIS B 98 4.33 -0.17 -4.28
N CYS B 99 3.94 -1.43 -4.45
CA CYS B 99 2.90 -2.03 -3.64
C CYS B 99 3.49 -2.57 -2.34
N LEU B 100 2.62 -2.77 -1.37
CA LEU B 100 3.01 -3.31 -0.10
C LEU B 100 3.17 -4.82 -0.20
N ASN B 101 4.31 -5.34 0.24
CA ASN B 101 4.55 -6.78 0.21
C ASN B 101 4.25 -7.37 1.57
N VAL B 102 3.04 -7.89 1.68
CA VAL B 102 2.57 -8.49 2.92
C VAL B 102 1.97 -9.87 2.66
N GLY B 103 1.35 -10.44 3.68
CA GLY B 103 0.80 -11.76 3.55
C GLY B 103 1.80 -12.82 3.95
N SER B 104 2.56 -13.31 2.99
CA SER B 104 3.63 -14.24 3.26
C SER B 104 4.70 -14.14 2.18
N SER B 105 5.85 -14.74 2.42
CA SER B 105 6.90 -14.78 1.41
C SER B 105 6.53 -15.71 0.26
N ILE B 106 5.87 -16.82 0.59
CA ILE B 106 5.45 -17.79 -0.41
C ILE B 106 4.21 -17.29 -1.17
N LYS B 107 3.27 -16.70 -0.44
CA LYS B 107 2.07 -16.15 -1.03
C LYS B 107 2.02 -14.66 -0.75
N SER B 108 2.65 -13.88 -1.60
CA SER B 108 2.74 -12.45 -1.42
C SER B 108 1.50 -11.75 -1.95
N ILE B 109 0.99 -10.81 -1.18
CA ILE B 109 -0.14 -10.01 -1.61
C ILE B 109 0.28 -8.56 -1.72
N LEU B 110 -0.02 -7.94 -2.84
CA LEU B 110 0.37 -6.57 -3.09
C LEU B 110 -0.81 -5.65 -2.83
N LEU B 111 -0.62 -4.72 -1.91
CA LEU B 111 -1.68 -3.80 -1.51
C LEU B 111 -1.21 -2.37 -1.61
N PRO B 112 -2.09 -1.44 -1.99
CA PRO B 112 -1.77 -0.02 -1.98
C PRO B 112 -1.45 0.46 -0.57
N ILE B 113 -0.19 0.82 -0.33
CA ILE B 113 0.25 1.34 0.95
C ILE B 113 -0.60 2.56 1.34
N GLU B 114 -1.21 3.16 0.32
CA GLU B 114 -2.18 4.23 0.47
C GLU B 114 -3.33 3.84 1.42
N LEU B 115 -3.80 2.60 1.34
CA LEU B 115 -4.92 2.16 2.17
C LEU B 115 -4.45 1.21 3.25
N CYS B 116 -3.16 1.29 3.54
CA CYS B 116 -2.58 0.57 4.63
C CYS B 116 -2.37 1.53 5.78
N SER B 117 -2.90 1.21 6.94
CA SER B 117 -2.93 2.16 8.04
C SER B 117 -2.26 1.59 9.29
N ILE B 118 -1.16 2.20 9.71
CA ILE B 118 -0.38 1.72 10.85
C ILE B 118 -1.14 1.94 12.16
N GLU B 119 -1.18 0.92 13.00
CA GLU B 119 -1.88 1.05 14.26
C GLU B 119 -0.86 1.32 15.37
N GLU B 120 -1.06 2.43 16.07
CA GLU B 120 -0.14 2.84 17.13
C GLU B 120 -0.37 1.97 18.37
N GLY B 121 -1.60 1.48 18.49
CA GLY B 121 -1.94 0.59 19.57
C GLY B 121 -1.42 -0.82 19.33
N GLN B 122 -1.07 -1.11 18.08
CA GLN B 122 -0.60 -2.42 17.71
C GLN B 122 0.90 -2.51 17.88
N ALA B 123 1.58 -1.55 17.29
CA ALA B 123 3.03 -1.51 17.31
C ALA B 123 3.52 -0.22 17.95
N GLY B 1 -13.19 5.58 18.20
CA GLY B 1 -12.36 4.96 17.14
C GLY B 1 -10.96 4.66 17.63
N ALA B 2 -10.27 3.78 16.93
CA ALA B 2 -8.91 3.40 17.28
C ALA B 2 -7.92 4.34 16.61
N MET B 3 -6.81 4.61 17.30
CA MET B 3 -5.80 5.51 16.76
C MET B 3 -4.92 4.79 15.73
N ALA B 4 -5.30 4.92 14.47
CA ALA B 4 -4.53 4.35 13.38
C ALA B 4 -4.02 5.47 12.47
N MET B 5 -2.78 5.35 12.03
CA MET B 5 -2.18 6.40 11.21
C MET B 5 -1.88 5.88 9.82
N PRO B 6 -2.67 6.31 8.81
CA PRO B 6 -2.48 5.88 7.41
C PRO B 6 -1.02 6.03 6.98
N MET B 7 -0.52 5.04 6.24
CA MET B 7 0.90 4.99 5.87
C MET B 7 1.29 6.20 5.05
N ILE B 8 0.38 6.68 4.21
CA ILE B 8 0.64 7.90 3.45
C ILE B 8 0.77 9.09 4.41
N GLU B 9 -0.20 9.19 5.33
CA GLU B 9 -0.20 10.23 6.35
C GLU B 9 1.10 10.18 7.16
N TYR B 10 1.56 8.98 7.47
CA TYR B 10 2.80 8.77 8.20
C TYR B 10 3.97 9.31 7.39
N LEU B 11 4.00 9.01 6.10
CA LEU B 11 5.07 9.45 5.22
C LEU B 11 5.05 10.97 5.09
N GLU B 12 3.86 11.54 4.97
CA GLU B 12 3.69 12.98 4.82
C GLU B 12 4.27 13.74 6.01
N ARG B 13 3.78 13.40 7.19
CA ARG B 13 4.14 14.15 8.39
C ARG B 13 5.57 13.86 8.84
N PHE B 14 5.97 12.61 8.76
CA PHE B 14 7.24 12.18 9.32
C PHE B 14 8.35 12.16 8.27
N SER B 15 8.18 11.35 7.24
CA SER B 15 9.25 11.08 6.28
C SER B 15 9.58 12.29 5.42
N LEU B 16 8.56 13.02 4.96
CA LEU B 16 8.79 14.14 4.05
C LEU B 16 8.64 15.49 4.73
N LYS B 17 7.96 15.50 5.87
CA LYS B 17 7.69 16.72 6.63
C LYS B 17 6.72 17.62 5.84
N ALA B 18 6.11 17.04 4.82
CA ALA B 18 5.23 17.78 3.92
C ALA B 18 4.14 16.86 3.37
N LYS B 19 3.00 17.45 3.04
CA LYS B 19 1.86 16.71 2.52
C LYS B 19 2.19 16.09 1.17
N ILE B 20 1.72 14.86 0.97
CA ILE B 20 2.05 14.11 -0.23
C ILE B 20 1.11 14.44 -1.37
N ASN B 21 1.70 14.66 -2.54
CA ASN B 21 0.98 14.87 -3.78
C ASN B 21 1.75 14.16 -4.89
N ASN B 22 1.48 14.51 -6.13
CA ASN B 22 2.23 13.95 -7.25
C ASN B 22 3.63 14.57 -7.31
N THR B 23 3.87 15.57 -6.49
CA THR B 23 5.15 16.26 -6.45
C THR B 23 6.10 15.65 -5.42
N THR B 24 5.55 15.03 -4.39
CA THR B 24 6.36 14.39 -3.36
C THR B 24 6.95 13.08 -3.89
N ASN B 25 8.27 13.01 -3.91
CA ASN B 25 8.95 11.93 -4.61
C ASN B 25 9.48 10.88 -3.64
N LEU B 26 8.57 10.19 -2.96
CA LEU B 26 8.94 9.02 -2.17
C LEU B 26 8.85 7.76 -3.04
N ASP B 27 8.56 7.98 -4.32
CA ASP B 27 8.52 6.90 -5.30
C ASP B 27 9.82 6.08 -5.28
N TYR B 28 10.91 6.67 -5.74
CA TYR B 28 12.20 5.99 -5.76
C TYR B 28 12.74 5.78 -4.35
N SER B 29 12.15 6.47 -3.38
CA SER B 29 12.61 6.39 -2.01
C SER B 29 12.03 5.17 -1.34
N ARG B 30 10.97 4.64 -1.92
CA ARG B 30 10.25 3.51 -1.35
C ARG B 30 11.17 2.32 -1.13
N ARG B 31 12.16 2.18 -1.99
CA ARG B 31 13.09 1.07 -1.88
C ARG B 31 14.04 1.23 -0.70
N PHE B 32 14.11 2.44 -0.13
CA PHE B 32 14.86 2.67 1.10
C PHE B 32 13.89 2.79 2.25
N LEU B 33 12.62 2.96 1.90
CA LEU B 33 11.57 2.93 2.89
C LEU B 33 11.23 1.48 3.21
N GLU B 34 11.73 0.58 2.36
CA GLU B 34 11.59 -0.85 2.59
C GLU B 34 12.19 -1.26 3.93
N PRO B 35 13.47 -0.94 4.20
CA PRO B 35 14.08 -1.25 5.49
C PRO B 35 13.36 -0.55 6.64
N PHE B 36 12.76 0.59 6.32
CA PHE B 36 12.06 1.41 7.30
C PHE B 36 10.71 0.77 7.67
N LEU B 37 10.12 0.08 6.71
CA LEU B 37 8.81 -0.52 6.92
C LEU B 37 8.90 -2.04 7.06
N ARG B 38 10.12 -2.55 7.13
CA ARG B 38 10.35 -3.98 7.31
C ARG B 38 9.92 -4.41 8.71
N GLY B 39 8.80 -5.11 8.80
CA GLY B 39 8.34 -5.63 10.06
C GLY B 39 7.37 -4.72 10.77
N ILE B 40 6.41 -4.18 10.02
CA ILE B 40 5.38 -3.32 10.61
C ILE B 40 4.02 -4.01 10.48
N ASN B 41 3.04 -3.57 11.25
CA ASN B 41 1.69 -4.11 11.11
C ASN B 41 0.74 -3.01 10.68
N VAL B 42 -0.02 -3.27 9.63
CA VAL B 42 -0.89 -2.26 9.05
C VAL B 42 -2.30 -2.77 8.88
N VAL B 43 -3.26 -1.93 9.24
CA VAL B 43 -4.65 -2.26 9.04
C VAL B 43 -5.07 -1.84 7.63
N TYR B 44 -5.39 -2.82 6.80
CA TYR B 44 -5.82 -2.55 5.44
C TYR B 44 -7.27 -2.12 5.44
N THR B 45 -7.52 -0.94 4.88
CA THR B 45 -8.86 -0.40 4.83
C THR B 45 -9.44 -0.58 3.44
N PRO B 46 -10.36 -1.55 3.27
CA PRO B 46 -11.02 -1.80 2.00
C PRO B 46 -11.99 -0.70 1.63
N PRO B 47 -11.79 -0.07 0.46
CA PRO B 47 -12.65 0.99 -0.05
C PRO B 47 -14.12 0.57 -0.15
N GLN B 48 -14.98 1.58 -0.16
CA GLN B 48 -16.44 1.41 -0.09
C GLN B 48 -16.99 0.51 -1.19
N SER B 49 -16.26 0.38 -2.29
CA SER B 49 -16.69 -0.44 -3.40
C SER B 49 -16.40 -1.92 -3.15
N PHE B 50 -15.57 -2.18 -2.15
CA PHE B 50 -15.19 -3.56 -1.82
C PHE B 50 -16.17 -4.16 -0.83
N GLN B 51 -16.61 -3.34 0.12
CA GLN B 51 -17.51 -3.77 1.19
C GLN B 51 -16.87 -4.85 2.05
N SER B 52 -15.54 -4.86 2.07
CA SER B 52 -14.80 -5.84 2.85
C SER B 52 -14.46 -5.26 4.22
N ALA B 53 -14.31 -6.13 5.20
CA ALA B 53 -13.99 -5.70 6.55
C ALA B 53 -12.50 -5.40 6.68
N PRO B 54 -12.15 -4.27 7.32
CA PRO B 54 -10.75 -3.88 7.56
C PRO B 54 -9.97 -4.99 8.23
N ARG B 55 -8.82 -5.30 7.69
CA ARG B 55 -8.04 -6.45 8.14
C ARG B 55 -6.57 -6.09 8.24
N VAL B 56 -5.93 -6.48 9.33
CA VAL B 56 -4.54 -6.13 9.57
C VAL B 56 -3.59 -7.15 8.94
N TYR B 57 -2.49 -6.68 8.39
CA TYR B 57 -1.50 -7.55 7.77
C TYR B 57 -0.10 -7.16 8.23
N ARG B 58 0.81 -8.13 8.24
CA ARG B 58 2.17 -7.89 8.63
C ARG B 58 3.02 -7.56 7.41
N VAL B 59 3.65 -6.39 7.44
CA VAL B 59 4.48 -5.95 6.33
C VAL B 59 5.89 -6.53 6.46
N ASN B 60 6.25 -7.34 5.48
CA ASN B 60 7.62 -7.80 5.33
C ASN B 60 8.43 -6.73 4.65
N GLY B 61 7.77 -5.97 3.78
CA GLY B 61 8.40 -4.84 3.13
C GLY B 61 7.65 -4.39 1.91
N LEU B 62 8.39 -4.04 0.87
CA LEU B 62 7.79 -3.54 -0.36
C LEU B 62 8.19 -4.36 -1.56
N SER B 63 7.43 -4.21 -2.62
CA SER B 63 7.72 -4.80 -3.89
C SER B 63 8.52 -3.82 -4.72
N ARG B 64 9.53 -4.32 -5.43
CA ARG B 64 10.42 -3.47 -6.20
C ARG B 64 9.74 -2.89 -7.44
N ALA B 65 8.52 -3.31 -7.69
CA ALA B 65 7.76 -2.81 -8.83
C ALA B 65 6.48 -2.11 -8.38
N PRO B 66 6.26 -0.88 -8.88
CA PRO B 66 5.05 -0.10 -8.60
C PRO B 66 3.76 -0.81 -9.02
N ALA B 67 2.65 -0.41 -8.41
CA ALA B 67 1.35 -1.06 -8.63
C ALA B 67 0.86 -0.86 -10.05
N SER B 68 1.44 0.09 -10.75
CA SER B 68 1.10 0.36 -12.14
C SER B 68 1.90 -0.54 -13.09
N SER B 69 2.86 -1.27 -12.53
CA SER B 69 3.72 -2.13 -13.33
C SER B 69 3.38 -3.60 -13.09
N GLU B 70 3.19 -3.96 -11.83
CA GLU B 70 2.91 -5.35 -11.46
C GLU B 70 1.61 -5.84 -12.06
N THR B 71 1.69 -6.95 -12.77
CA THR B 71 0.55 -7.52 -13.47
C THR B 71 0.23 -8.93 -12.98
N PHE B 72 -1.03 -9.31 -13.08
CA PHE B 72 -1.46 -10.67 -12.81
C PHE B 72 -2.53 -11.07 -13.81
N GLU B 73 -2.63 -12.35 -14.09
CA GLU B 73 -3.57 -12.83 -15.09
C GLU B 73 -4.92 -13.14 -14.44
N HIS B 74 -5.96 -12.52 -14.97
CA HIS B 74 -7.31 -12.78 -14.52
C HIS B 74 -8.20 -13.08 -15.72
N ASP B 75 -8.58 -14.35 -15.85
CA ASP B 75 -9.40 -14.83 -16.97
C ASP B 75 -8.69 -14.60 -18.30
N GLY B 76 -7.38 -14.82 -18.29
CA GLY B 76 -6.61 -14.73 -19.51
C GLY B 76 -6.07 -13.34 -19.78
N LYS B 77 -6.55 -12.35 -19.05
CA LYS B 77 -6.13 -10.97 -19.24
C LYS B 77 -5.20 -10.52 -18.12
N LYS B 78 -4.07 -9.95 -18.48
CA LYS B 78 -3.14 -9.43 -17.50
C LYS B 78 -3.49 -8.00 -17.12
N VAL B 79 -3.87 -7.81 -15.86
CA VAL B 79 -4.17 -6.49 -15.35
C VAL B 79 -3.18 -6.11 -14.25
N THR B 80 -2.88 -4.83 -14.14
CA THR B 80 -2.00 -4.35 -13.10
C THR B 80 -2.74 -4.24 -11.78
N ILE B 81 -2.00 -4.18 -10.69
CA ILE B 81 -2.60 -4.02 -9.36
C ILE B 81 -3.48 -2.77 -9.35
N ALA B 82 -2.92 -1.69 -9.91
CA ALA B 82 -3.62 -0.42 -10.00
C ALA B 82 -4.87 -0.53 -10.88
N SER B 83 -4.79 -1.34 -11.92
CA SER B 83 -5.91 -1.52 -12.84
C SER B 83 -7.06 -2.24 -12.15
N TYR B 84 -6.73 -3.25 -11.36
CA TYR B 84 -7.76 -4.04 -10.67
C TYR B 84 -8.55 -3.15 -9.70
N PHE B 85 -7.83 -2.33 -8.94
CA PHE B 85 -8.47 -1.42 -8.00
C PHE B 85 -9.28 -0.36 -8.75
N HIS B 86 -8.71 0.17 -9.82
CA HIS B 86 -9.37 1.21 -10.60
C HIS B 86 -10.65 0.67 -11.23
N SER B 87 -10.59 -0.58 -11.68
CA SER B 87 -11.74 -1.23 -12.28
C SER B 87 -12.83 -1.46 -11.24
N ARG B 88 -12.41 -1.56 -9.97
CA ARG B 88 -13.35 -1.75 -8.88
C ARG B 88 -13.83 -0.42 -8.32
N ASN B 89 -13.82 0.60 -9.19
CA ASN B 89 -14.34 1.93 -8.87
C ASN B 89 -13.55 2.61 -7.75
N TYR B 90 -12.26 2.30 -7.66
CA TYR B 90 -11.39 3.02 -6.75
C TYR B 90 -10.13 3.48 -7.49
N PRO B 91 -10.11 4.74 -7.91
CA PRO B 91 -8.97 5.30 -8.62
C PRO B 91 -7.80 5.61 -7.69
N LEU B 92 -6.71 4.86 -7.86
CA LEU B 92 -5.49 5.12 -7.10
C LEU B 92 -4.91 6.45 -7.55
N LYS B 93 -4.67 7.32 -6.60
CA LYS B 93 -4.23 8.69 -6.90
C LYS B 93 -2.73 8.75 -7.14
N PHE B 94 -2.02 7.74 -6.65
CA PHE B 94 -0.58 7.62 -6.86
C PHE B 94 -0.21 6.18 -7.14
N PRO B 95 -0.72 5.62 -8.25
CA PRO B 95 -0.54 4.20 -8.60
C PRO B 95 0.88 3.86 -9.02
N GLN B 96 1.70 4.88 -9.20
CA GLN B 96 3.08 4.69 -9.64
C GLN B 96 3.98 4.36 -8.44
N LEU B 97 3.36 4.23 -7.28
CA LEU B 97 4.09 3.89 -6.06
C LEU B 97 4.27 2.38 -5.96
N HIS B 98 5.37 1.97 -5.33
CA HIS B 98 5.69 0.57 -5.13
C HIS B 98 4.65 -0.12 -4.26
N CYS B 99 4.33 -1.35 -4.63
CA CYS B 99 3.32 -2.13 -3.95
C CYS B 99 3.80 -2.57 -2.57
N LEU B 100 2.88 -2.68 -1.63
CA LEU B 100 3.21 -3.15 -0.30
C LEU B 100 3.26 -4.67 -0.29
N ASN B 101 4.38 -5.22 0.13
CA ASN B 101 4.59 -6.67 0.14
C ASN B 101 4.18 -7.22 1.50
N VAL B 102 2.92 -7.63 1.60
CA VAL B 102 2.35 -8.11 2.85
C VAL B 102 1.71 -9.48 2.68
N GLY B 103 1.01 -9.91 3.71
CA GLY B 103 0.34 -11.19 3.68
C GLY B 103 1.25 -12.29 4.20
N SER B 104 1.87 -12.99 3.28
CA SER B 104 2.81 -14.05 3.61
C SER B 104 3.81 -14.21 2.48
N SER B 105 4.89 -14.92 2.73
CA SER B 105 5.86 -15.19 1.69
C SER B 105 5.37 -16.30 0.78
N ILE B 106 4.49 -17.14 1.31
CA ILE B 106 3.91 -18.23 0.54
C ILE B 106 2.73 -17.74 -0.29
N LYS B 107 2.12 -16.65 0.17
CA LYS B 107 1.07 -15.97 -0.58
C LYS B 107 1.26 -14.47 -0.43
N SER B 108 2.06 -13.90 -1.30
CA SER B 108 2.36 -12.48 -1.25
C SER B 108 1.21 -11.69 -1.85
N ILE B 109 0.75 -10.69 -1.12
CA ILE B 109 -0.30 -9.84 -1.62
C ILE B 109 0.23 -8.43 -1.77
N LEU B 110 -0.02 -7.84 -2.92
CA LEU B 110 0.44 -6.50 -3.21
C LEU B 110 -0.70 -5.53 -3.00
N LEU B 111 -0.50 -4.58 -2.09
CA LEU B 111 -1.56 -3.67 -1.71
C LEU B 111 -1.08 -2.23 -1.75
N PRO B 112 -1.99 -1.30 -2.06
CA PRO B 112 -1.70 0.13 -1.99
C PRO B 112 -1.38 0.56 -0.57
N ILE B 113 -0.15 1.04 -0.36
CA ILE B 113 0.26 1.62 0.91
C ILE B 113 -0.68 2.78 1.27
N GLU B 114 -1.34 3.31 0.24
CA GLU B 114 -2.38 4.31 0.37
C GLU B 114 -3.56 3.81 1.24
N LEU B 115 -3.85 2.51 1.16
CA LEU B 115 -4.99 1.92 1.88
C LEU B 115 -4.52 1.15 3.09
N CYS B 116 -3.26 1.31 3.44
CA CYS B 116 -2.71 0.65 4.60
C CYS B 116 -2.43 1.70 5.67
N SER B 117 -2.80 1.38 6.90
CA SER B 117 -2.71 2.31 7.98
C SER B 117 -1.99 1.69 9.18
N ILE B 118 -1.00 2.42 9.69
CA ILE B 118 -0.12 1.95 10.75
C ILE B 118 -0.85 1.91 12.10
N GLU B 119 -0.65 0.82 12.82
CA GLU B 119 -1.28 0.64 14.12
C GLU B 119 -0.35 1.06 15.25
N GLU B 120 -0.81 1.98 16.08
CA GLU B 120 -0.06 2.43 17.25
C GLU B 120 -0.19 1.41 18.36
N GLY B 121 -1.32 0.72 18.34
CA GLY B 121 -1.64 -0.27 19.35
C GLY B 121 -0.52 -1.28 19.58
N GLN B 122 -0.04 -1.91 18.51
CA GLN B 122 1.02 -2.89 18.61
C GLN B 122 2.40 -2.23 18.59
N ALA B 123 2.46 -1.05 17.97
CA ALA B 123 3.71 -0.31 17.78
C ALA B 123 4.69 -1.11 16.92
N GLY B 1 -8.78 -0.96 18.33
CA GLY B 1 -8.48 -0.25 19.61
C GLY B 1 -7.13 0.43 19.56
N ALA B 2 -6.99 1.38 18.64
CA ALA B 2 -5.72 2.05 18.41
C ALA B 2 -5.88 3.14 17.37
N MET B 3 -5.02 4.13 17.42
CA MET B 3 -5.03 5.18 16.42
C MET B 3 -4.26 4.73 15.18
N ALA B 4 -4.99 4.16 14.23
CA ALA B 4 -4.40 3.76 12.97
C ALA B 4 -4.09 5.00 12.13
N MET B 5 -2.81 5.33 12.03
CA MET B 5 -2.38 6.52 11.30
C MET B 5 -2.19 6.17 9.83
N PRO B 6 -2.93 6.85 8.93
CA PRO B 6 -2.82 6.65 7.48
C PRO B 6 -1.36 6.69 7.04
N MET B 7 -0.96 5.65 6.31
CA MET B 7 0.44 5.45 5.95
C MET B 7 1.00 6.63 5.16
N ILE B 8 0.17 7.25 4.35
CA ILE B 8 0.58 8.41 3.59
C ILE B 8 0.87 9.58 4.52
N GLU B 9 0.01 9.77 5.51
CA GLU B 9 0.17 10.83 6.48
C GLU B 9 1.36 10.55 7.41
N TYR B 10 1.59 9.27 7.67
CA TYR B 10 2.73 8.84 8.46
C TYR B 10 4.02 9.27 7.78
N LEU B 11 4.06 9.09 6.47
CA LEU B 11 5.19 9.54 5.66
C LEU B 11 5.32 11.06 5.70
N GLU B 12 4.19 11.76 5.66
CA GLU B 12 4.19 13.21 5.72
C GLU B 12 4.89 13.71 6.97
N ARG B 13 4.46 13.21 8.12
CA ARG B 13 4.92 13.71 9.40
C ARG B 13 6.30 13.17 9.78
N PHE B 14 6.50 11.86 9.60
CA PHE B 14 7.70 11.22 10.11
C PHE B 14 8.76 10.99 9.02
N SER B 15 8.36 10.40 7.92
CA SER B 15 9.32 9.91 6.93
C SER B 15 9.90 11.03 6.06
N LEU B 16 9.04 11.83 5.46
CA LEU B 16 9.48 12.80 4.47
C LEU B 16 9.53 14.22 5.02
N LYS B 17 8.79 14.45 6.10
CA LYS B 17 8.71 15.78 6.72
C LYS B 17 7.94 16.75 5.83
N ALA B 18 7.25 16.19 4.85
CA ALA B 18 6.45 16.97 3.91
C ALA B 18 5.18 16.19 3.55
N LYS B 19 4.10 16.91 3.29
CA LYS B 19 2.83 16.28 2.96
C LYS B 19 2.87 15.65 1.58
N ILE B 20 2.38 14.42 1.49
CA ILE B 20 2.40 13.68 0.23
C ILE B 20 1.26 14.11 -0.68
N ASN B 21 1.58 14.24 -1.96
CA ASN B 21 0.61 14.57 -2.98
C ASN B 21 1.07 13.97 -4.31
N ASN B 22 0.60 14.49 -5.42
CA ASN B 22 0.95 13.94 -6.72
C ASN B 22 2.40 14.25 -7.11
N THR B 23 2.97 15.30 -6.53
CA THR B 23 4.32 15.72 -6.89
C THR B 23 5.38 15.02 -6.05
N THR B 24 5.02 14.61 -4.83
CA THR B 24 5.96 13.86 -4.00
C THR B 24 6.24 12.50 -4.62
N ASN B 25 7.51 12.25 -4.92
CA ASN B 25 7.89 11.05 -5.64
C ASN B 25 8.12 9.87 -4.71
N LEU B 26 7.07 9.11 -4.48
CA LEU B 26 7.17 7.89 -3.70
C LEU B 26 7.77 6.78 -4.53
N ASP B 27 7.72 6.94 -5.85
CA ASP B 27 8.22 5.92 -6.77
C ASP B 27 9.73 5.76 -6.66
N TYR B 28 10.42 6.88 -6.48
CA TYR B 28 11.87 6.86 -6.34
C TYR B 28 12.32 6.52 -4.92
N SER B 29 11.41 6.64 -3.97
CA SER B 29 11.78 6.52 -2.56
C SER B 29 11.22 5.25 -1.90
N ARG B 30 10.14 4.71 -2.46
CA ARG B 30 9.38 3.64 -1.81
C ARG B 30 10.28 2.49 -1.34
N ARG B 31 11.23 2.09 -2.17
CA ARG B 31 12.07 0.93 -1.86
C ARG B 31 13.13 1.23 -0.79
N PHE B 32 13.40 2.50 -0.52
CA PHE B 32 14.33 2.85 0.55
C PHE B 32 13.55 3.16 1.81
N LEU B 33 12.24 3.23 1.65
CA LEU B 33 11.35 3.32 2.79
C LEU B 33 11.02 1.92 3.28
N GLU B 34 11.40 0.92 2.48
CA GLU B 34 11.32 -0.49 2.88
C GLU B 34 11.96 -0.72 4.24
N PRO B 35 13.22 -0.28 4.46
CA PRO B 35 13.89 -0.49 5.75
C PRO B 35 13.08 0.05 6.92
N PHE B 36 12.31 1.10 6.67
CA PHE B 36 11.49 1.73 7.71
C PHE B 36 10.17 0.97 7.89
N LEU B 37 9.81 0.23 6.86
CA LEU B 37 8.53 -0.48 6.83
C LEU B 37 8.69 -1.95 7.19
N ARG B 38 9.92 -2.40 7.36
CA ARG B 38 10.18 -3.80 7.66
C ARG B 38 9.69 -4.18 9.05
N GLY B 39 8.76 -5.12 9.09
CA GLY B 39 8.34 -5.67 10.35
C GLY B 39 7.25 -4.86 11.02
N ILE B 40 6.43 -4.18 10.23
CA ILE B 40 5.39 -3.31 10.79
C ILE B 40 4.02 -3.97 10.68
N ASN B 41 3.01 -3.36 11.30
CA ASN B 41 1.64 -3.85 11.19
C ASN B 41 0.75 -2.74 10.68
N VAL B 42 0.08 -2.97 9.56
CA VAL B 42 -0.77 -1.96 8.97
C VAL B 42 -2.17 -2.52 8.72
N VAL B 43 -3.18 -1.74 9.09
CA VAL B 43 -4.54 -2.14 8.88
C VAL B 43 -4.96 -1.81 7.45
N TYR B 44 -5.28 -2.84 6.69
CA TYR B 44 -5.74 -2.66 5.33
C TYR B 44 -7.21 -2.25 5.33
N THR B 45 -7.47 -1.06 4.81
CA THR B 45 -8.82 -0.54 4.75
C THR B 45 -9.36 -0.59 3.33
N PRO B 46 -10.30 -1.52 3.07
CA PRO B 46 -10.89 -1.70 1.75
C PRO B 46 -11.88 -0.59 1.39
N PRO B 47 -11.70 0.04 0.22
CA PRO B 47 -12.62 1.05 -0.29
C PRO B 47 -14.05 0.54 -0.39
N GLN B 48 -14.99 1.49 -0.34
CA GLN B 48 -16.42 1.20 -0.18
C GLN B 48 -16.99 0.25 -1.25
N SER B 49 -16.38 0.24 -2.42
CA SER B 49 -16.87 -0.57 -3.53
C SER B 49 -16.43 -2.03 -3.40
N PHE B 50 -15.58 -2.31 -2.40
CA PHE B 50 -15.07 -3.67 -2.20
C PHE B 50 -16.04 -4.49 -1.35
N GLN B 51 -16.66 -3.84 -0.36
CA GLN B 51 -17.53 -4.51 0.60
C GLN B 51 -16.77 -5.62 1.32
N SER B 52 -15.51 -5.34 1.60
CA SER B 52 -14.64 -6.27 2.30
C SER B 52 -14.35 -5.75 3.70
N ALA B 53 -13.96 -6.64 4.60
CA ALA B 53 -13.70 -6.28 5.98
C ALA B 53 -12.23 -5.92 6.18
N PRO B 54 -11.95 -4.81 6.86
CA PRO B 54 -10.57 -4.35 7.12
C PRO B 54 -9.78 -5.34 7.98
N ARG B 55 -8.53 -5.56 7.62
CA ARG B 55 -7.69 -6.49 8.34
C ARG B 55 -6.25 -5.99 8.39
N VAL B 56 -5.61 -6.14 9.54
CA VAL B 56 -4.23 -5.71 9.69
C VAL B 56 -3.25 -6.79 9.20
N TYR B 57 -2.24 -6.35 8.46
CA TYR B 57 -1.22 -7.27 7.93
C TYR B 57 0.15 -6.81 8.40
N ARG B 58 1.03 -7.76 8.68
CA ARG B 58 2.40 -7.44 9.03
C ARG B 58 3.25 -7.33 7.78
N VAL B 59 3.80 -6.15 7.59
CA VAL B 59 4.62 -5.86 6.42
C VAL B 59 6.00 -6.42 6.57
N ASN B 60 6.35 -7.32 5.68
CA ASN B 60 7.71 -7.81 5.58
C ASN B 60 8.53 -6.85 4.72
N GLY B 61 7.88 -6.28 3.70
CA GLY B 61 8.55 -5.29 2.89
C GLY B 61 7.71 -4.79 1.73
N LEU B 62 8.36 -4.53 0.61
CA LEU B 62 7.70 -3.94 -0.53
C LEU B 62 8.03 -4.69 -1.82
N SER B 63 7.21 -4.45 -2.83
CA SER B 63 7.37 -5.05 -4.13
C SER B 63 8.46 -4.34 -4.92
N ARG B 64 9.00 -5.03 -5.91
CA ARG B 64 10.05 -4.49 -6.75
C ARG B 64 9.46 -3.69 -7.90
N ALA B 65 8.14 -3.72 -8.02
CA ALA B 65 7.45 -3.04 -9.09
C ALA B 65 6.21 -2.32 -8.58
N PRO B 66 5.97 -1.10 -9.08
CA PRO B 66 4.76 -0.32 -8.80
C PRO B 66 3.49 -1.04 -9.25
N ALA B 67 2.34 -0.48 -8.86
CA ALA B 67 1.04 -1.10 -9.10
C ALA B 67 0.68 -1.09 -10.58
N SER B 68 1.33 -0.23 -11.34
CA SER B 68 1.11 -0.15 -12.77
C SER B 68 2.01 -1.13 -13.51
N SER B 69 2.94 -1.75 -12.80
CA SER B 69 3.90 -2.66 -13.41
C SER B 69 3.51 -4.12 -13.15
N GLU B 70 3.08 -4.41 -11.93
CA GLU B 70 2.71 -5.77 -11.56
C GLU B 70 1.32 -6.13 -12.08
N THR B 71 1.19 -7.35 -12.56
CA THR B 71 -0.04 -7.81 -13.19
C THR B 71 -0.49 -9.15 -12.65
N PHE B 72 -1.78 -9.43 -12.76
CA PHE B 72 -2.32 -10.75 -12.44
C PHE B 72 -3.49 -11.05 -13.36
N GLU B 73 -3.78 -12.33 -13.54
CA GLU B 73 -4.81 -12.75 -14.48
C GLU B 73 -6.12 -13.07 -13.79
N HIS B 74 -7.20 -12.51 -14.30
CA HIS B 74 -8.53 -12.80 -13.82
C HIS B 74 -9.47 -12.97 -15.01
N ASP B 75 -10.11 -14.14 -15.10
CA ASP B 75 -10.99 -14.48 -16.22
C ASP B 75 -10.24 -14.44 -17.54
N GLY B 76 -8.95 -14.72 -17.48
CA GLY B 76 -8.13 -14.72 -18.68
C GLY B 76 -7.66 -13.32 -19.06
N LYS B 77 -8.04 -12.34 -18.25
CA LYS B 77 -7.64 -10.97 -18.49
C LYS B 77 -6.55 -10.57 -17.51
N LYS B 78 -5.41 -10.14 -18.02
CA LYS B 78 -4.30 -9.74 -17.15
C LYS B 78 -4.36 -8.25 -16.88
N VAL B 79 -4.70 -7.90 -15.65
CA VAL B 79 -4.79 -6.51 -15.24
C VAL B 79 -3.71 -6.20 -14.21
N THR B 80 -3.34 -4.93 -14.12
CA THR B 80 -2.36 -4.50 -13.15
C THR B 80 -3.02 -4.34 -11.79
N ILE B 81 -2.23 -4.26 -10.74
CA ILE B 81 -2.78 -4.04 -9.40
C ILE B 81 -3.58 -2.76 -9.38
N ALA B 82 -3.03 -1.73 -10.05
CA ALA B 82 -3.68 -0.43 -10.15
C ALA B 82 -5.00 -0.53 -10.91
N SER B 83 -5.00 -1.29 -12.00
CA SER B 83 -6.18 -1.42 -12.83
C SER B 83 -7.30 -2.15 -12.07
N TYR B 84 -6.92 -3.06 -11.19
CA TYR B 84 -7.89 -3.81 -10.40
C TYR B 84 -8.66 -2.87 -9.47
N PHE B 85 -7.93 -2.04 -8.75
CA PHE B 85 -8.54 -1.07 -7.85
C PHE B 85 -9.31 -0.02 -8.65
N HIS B 86 -8.73 0.38 -9.77
CA HIS B 86 -9.38 1.33 -10.67
C HIS B 86 -10.73 0.80 -11.15
N SER B 87 -10.78 -0.48 -11.47
CA SER B 87 -12.02 -1.11 -11.88
C SER B 87 -12.98 -1.24 -10.70
N ARG B 88 -12.42 -1.40 -9.51
CA ARG B 88 -13.21 -1.55 -8.29
C ARG B 88 -13.57 -0.17 -7.72
N ASN B 89 -13.55 0.83 -8.58
CA ASN B 89 -14.04 2.18 -8.26
C ASN B 89 -13.09 2.96 -7.36
N TYR B 90 -11.83 2.55 -7.30
CA TYR B 90 -10.86 3.32 -6.55
C TYR B 90 -9.63 3.62 -7.41
N PRO B 91 -9.58 4.82 -8.00
CA PRO B 91 -8.43 5.25 -8.78
C PRO B 91 -7.24 5.61 -7.89
N LEU B 92 -6.11 4.96 -8.13
CA LEU B 92 -4.91 5.19 -7.32
C LEU B 92 -4.32 6.56 -7.60
N LYS B 93 -4.05 7.29 -6.52
CA LYS B 93 -3.48 8.63 -6.60
C LYS B 93 -2.03 8.56 -7.06
N PHE B 94 -1.35 7.53 -6.58
CA PHE B 94 0.06 7.32 -6.89
C PHE B 94 0.33 5.84 -7.17
N PRO B 95 -0.17 5.33 -8.31
CA PRO B 95 -0.02 3.91 -8.66
C PRO B 95 1.41 3.54 -9.02
N GLN B 96 2.25 4.55 -9.19
CA GLN B 96 3.65 4.34 -9.56
C GLN B 96 4.52 4.07 -8.34
N LEU B 97 3.91 3.87 -7.18
CA LEU B 97 4.66 3.52 -5.99
C LEU B 97 4.72 2.00 -5.85
N HIS B 98 5.82 1.52 -5.30
CA HIS B 98 6.01 0.09 -5.06
C HIS B 98 4.94 -0.43 -4.10
N CYS B 99 4.22 -1.44 -4.56
CA CYS B 99 3.12 -2.03 -3.79
C CYS B 99 3.63 -2.68 -2.51
N LEU B 100 2.74 -2.78 -1.54
CA LEU B 100 3.07 -3.37 -0.25
C LEU B 100 3.23 -4.88 -0.40
N ASN B 101 4.31 -5.41 0.15
CA ASN B 101 4.57 -6.84 0.08
C ASN B 101 4.24 -7.49 1.41
N VAL B 102 3.04 -8.06 1.48
CA VAL B 102 2.56 -8.74 2.66
C VAL B 102 1.95 -10.09 2.30
N GLY B 103 1.31 -10.74 3.26
CA GLY B 103 0.72 -12.03 3.02
C GLY B 103 1.63 -13.15 3.45
N SER B 104 2.45 -13.62 2.52
CA SER B 104 3.44 -14.66 2.83
C SER B 104 4.63 -14.53 1.87
N SER B 105 5.62 -15.40 2.03
CA SER B 105 6.81 -15.34 1.21
C SER B 105 6.53 -15.87 -0.20
N ILE B 106 5.86 -17.02 -0.27
CA ILE B 106 5.55 -17.64 -1.54
C ILE B 106 4.34 -17.00 -2.18
N LYS B 107 3.28 -16.82 -1.41
CA LYS B 107 2.09 -16.14 -1.88
C LYS B 107 2.08 -14.70 -1.40
N SER B 108 2.63 -13.81 -2.20
CA SER B 108 2.71 -12.41 -1.86
C SER B 108 1.49 -11.67 -2.37
N ILE B 109 0.98 -10.76 -1.58
CA ILE B 109 -0.13 -9.91 -2.00
C ILE B 109 0.33 -8.46 -2.02
N LEU B 110 0.05 -7.80 -3.14
CA LEU B 110 0.48 -6.42 -3.32
C LEU B 110 -0.69 -5.48 -3.05
N LEU B 111 -0.50 -4.58 -2.11
CA LEU B 111 -1.56 -3.68 -1.71
C LEU B 111 -1.09 -2.23 -1.75
N PRO B 112 -1.98 -1.29 -2.10
CA PRO B 112 -1.68 0.14 -2.02
C PRO B 112 -1.43 0.55 -0.58
N ILE B 113 -0.21 0.98 -0.30
CA ILE B 113 0.18 1.40 1.03
C ILE B 113 -0.70 2.57 1.50
N GLU B 114 -1.30 3.26 0.54
CA GLU B 114 -2.28 4.31 0.81
C GLU B 114 -3.48 3.76 1.61
N LEU B 115 -3.91 2.55 1.29
CA LEU B 115 -5.05 1.95 1.98
C LEU B 115 -4.57 1.20 3.22
N CYS B 116 -3.27 1.25 3.43
CA CYS B 116 -2.68 0.68 4.62
C CYS B 116 -2.49 1.77 5.65
N SER B 117 -2.70 1.44 6.90
CA SER B 117 -2.62 2.44 7.95
C SER B 117 -1.93 1.85 9.18
N ILE B 118 -0.93 2.57 9.69
CA ILE B 118 -0.08 2.06 10.75
C ILE B 118 -0.78 2.05 12.10
N GLU B 119 -0.84 0.88 12.71
CA GLU B 119 -1.46 0.73 14.01
C GLU B 119 -0.41 0.79 15.12
N GLU B 120 -0.74 1.52 16.19
CA GLU B 120 0.15 1.72 17.32
C GLU B 120 0.39 0.42 18.11
N GLY B 121 -0.40 -0.60 17.80
CA GLY B 121 -0.34 -1.87 18.52
C GLY B 121 1.06 -2.42 18.69
N GLN B 122 1.88 -2.38 17.64
CA GLN B 122 3.26 -2.82 17.75
C GLN B 122 4.15 -1.71 18.26
N ALA B 123 4.05 -0.57 17.60
CA ALA B 123 4.93 0.58 17.85
C ALA B 123 6.37 0.24 17.51
#